data_6TWN
#
_entry.id   6TWN
#
_cell.length_a   69.000
_cell.length_b   97.870
_cell.length_c   104.670
_cell.angle_alpha   90.000
_cell.angle_beta   90.000
_cell.angle_gamma   90.000
#
_symmetry.space_group_name_H-M   'P 21 21 21'
#
loop_
_entity.id
_entity.type
_entity.pdbx_description
1 polymer Talin-1
2 polymer 'Cyclin-dependent kinase 1'
3 non-polymer GLYCEROL
4 non-polymer 'CHLORIDE ION'
5 water water
#
loop_
_entity_poly.entity_id
_entity_poly.type
_entity_poly.pdbx_seq_one_letter_code
_entity_poly.pdbx_strand_id
1 'polypeptide(L)'
;GIDPFTKHGQKECDNALRQLETVRELLENPVQPINDMSYFGCLDSVMENSKVLGEAMTGISQNAKNGNLPEFGDAIATAS
KALCGFTEAAAQAAYLVGVSDPNSQAGQQGLVEPTQFARANQAIQMACQSLGEPGCTQAQVLSAATIVAKHTSALCNSCR
LASARTANPTAKRQFVQSAKEVANSTANLVKTIKALDGDFTEENRAQCRAATAPLLEAVDNLSAFASNPEFSSVPAQISP
EGRAAMEPIVISAKTMLESAGGLIQTARALAVNPRDPPRWSVLAGHSRTVSDSIKKLITSMRDKAPGQL
;
A,B
2 'polypeptide(L)' DSEIDQLFRIFRALGTP C,D
#
# COMPACT_ATOMS: atom_id res chain seq x y z
N PRO A 4 21.68 -6.60 -14.36
CA PRO A 4 21.07 -7.15 -13.15
C PRO A 4 21.39 -6.31 -11.92
N PHE A 5 22.55 -5.66 -11.95
CA PHE A 5 22.95 -4.80 -10.85
C PHE A 5 22.21 -3.47 -10.90
N THR A 6 22.10 -2.89 -12.11
CA THR A 6 21.26 -1.72 -12.30
C THR A 6 19.79 -2.05 -12.07
N LYS A 7 19.38 -3.27 -12.44
CA LYS A 7 18.01 -3.71 -12.19
C LYS A 7 17.73 -3.71 -10.69
N HIS A 8 18.73 -4.02 -9.88
CA HIS A 8 18.59 -3.95 -8.43
C HIS A 8 18.36 -2.51 -7.97
N GLY A 9 19.13 -1.56 -8.52
CA GLY A 9 18.93 -0.16 -8.19
C GLY A 9 17.57 0.35 -8.61
N GLN A 10 17.14 0.02 -9.83
CA GLN A 10 15.82 0.44 -10.30
C GLN A 10 14.71 -0.09 -9.40
N LYS A 11 14.87 -1.31 -8.89
CA LYS A 11 13.84 -1.89 -8.05
C LYS A 11 13.71 -1.13 -6.73
N GLU A 12 14.84 -0.71 -6.14
CA GLU A 12 14.79 0.10 -4.93
C GLU A 12 14.07 1.42 -5.18
N CYS A 13 14.31 2.04 -6.35
CA CYS A 13 13.58 3.25 -6.72
C CYS A 13 12.08 2.99 -6.76
N ASP A 14 11.68 1.87 -7.36
CA ASP A 14 10.26 1.55 -7.45
C ASP A 14 9.67 1.25 -6.09
N ASN A 15 10.43 0.59 -5.22
CA ASN A 15 9.98 0.39 -3.85
C ASN A 15 9.79 1.71 -3.13
N ALA A 16 10.79 2.59 -3.21
CA ALA A 16 10.69 3.92 -2.60
C ALA A 16 9.46 4.66 -3.09
N LEU A 17 9.25 4.70 -4.41
CA LEU A 17 8.10 5.39 -4.97
C LEU A 17 6.79 4.79 -4.46
N ARG A 18 6.75 3.47 -4.29
CA ARG A 18 5.58 2.83 -3.71
C ARG A 18 5.32 3.33 -2.29
N GLN A 19 6.36 3.32 -1.45
CA GLN A 19 6.21 3.76 -0.06
C GLN A 19 5.78 5.22 0.03
N LEU A 20 6.33 6.08 -0.83
CA LEU A 20 5.97 7.49 -0.80
C LEU A 20 4.49 7.70 -1.09
N GLU A 21 3.95 6.96 -2.06
CA GLU A 21 2.52 7.07 -2.36
C GLU A 21 1.68 6.54 -1.22
N THR A 22 2.15 5.51 -0.51
CA THR A 22 1.41 5.02 0.64
C THR A 22 1.41 6.05 1.76
N VAL A 23 2.59 6.53 2.16
CA VAL A 23 2.69 7.45 3.28
C VAL A 23 2.03 8.80 2.97
N ARG A 24 1.86 9.12 1.68
CA ARG A 24 1.21 10.36 1.31
C ARG A 24 -0.21 10.44 1.87
N GLU A 25 -0.89 9.30 2.02
CA GLU A 25 -2.26 9.29 2.50
C GLU A 25 -2.39 9.88 3.90
N LEU A 26 -1.33 9.80 4.72
CA LEU A 26 -1.36 10.39 6.05
C LEU A 26 -1.67 11.89 6.02
N LEU A 27 -1.31 12.57 4.93
CA LEU A 27 -1.51 14.00 4.81
C LEU A 27 -2.86 14.38 4.22
N GLU A 28 -3.64 13.41 3.73
CA GLU A 28 -4.88 13.73 3.03
C GLU A 28 -5.89 14.42 3.97
N ASN A 29 -6.10 13.86 5.15
CA ASN A 29 -7.07 14.42 6.07
C ASN A 29 -6.74 13.99 7.48
N PRO A 30 -5.74 14.61 8.11
CA PRO A 30 -5.36 14.19 9.47
C PRO A 30 -6.45 14.45 10.48
N VAL A 31 -7.30 13.46 10.73
CA VAL A 31 -8.34 13.54 11.74
C VAL A 31 -8.10 12.58 12.89
N GLN A 32 -6.95 11.91 12.91
CA GLN A 32 -6.54 11.02 13.98
C GLN A 32 -5.04 11.15 14.17
N PRO A 33 -4.52 10.86 15.36
CA PRO A 33 -3.06 10.86 15.55
C PRO A 33 -2.42 9.69 14.81
N ILE A 34 -1.20 9.92 14.35
CA ILE A 34 -0.43 8.90 13.67
C ILE A 34 0.38 8.07 14.65
N ASN A 35 0.89 8.68 15.72
CA ASN A 35 1.73 8.00 16.68
C ASN A 35 1.57 8.67 18.04
N ASP A 36 2.50 8.39 18.95
CA ASP A 36 2.47 8.91 20.31
C ASP A 36 3.27 10.20 20.49
N MET A 37 3.90 10.69 19.44
CA MET A 37 4.81 11.83 19.57
C MET A 37 4.08 13.07 20.04
N SER A 38 4.74 13.82 20.92
CA SER A 38 4.32 15.17 21.26
C SER A 38 4.67 16.13 20.12
N TYR A 39 4.35 17.41 20.28
CA TYR A 39 4.69 18.38 19.24
C TYR A 39 6.19 18.50 19.07
N PHE A 40 6.91 18.71 20.18
CA PHE A 40 8.37 18.81 20.08
C PHE A 40 9.00 17.48 19.69
N GLY A 41 8.35 16.37 20.02
CA GLY A 41 8.78 15.09 19.48
C GLY A 41 8.77 15.07 17.96
N CYS A 42 7.67 15.55 17.37
CA CYS A 42 7.61 15.66 15.91
C CYS A 42 8.72 16.55 15.37
N LEU A 43 8.95 17.70 16.02
CA LEU A 43 9.96 18.64 15.54
C LEU A 43 11.35 18.02 15.59
N ASP A 44 11.69 17.34 16.69
CA ASP A 44 12.95 16.63 16.75
C ASP A 44 13.04 15.59 15.65
N SER A 45 11.93 14.90 15.38
CA SER A 45 11.92 13.87 14.34
C SER A 45 12.24 14.45 12.97
N VAL A 46 11.57 15.55 12.59
CA VAL A 46 11.82 16.14 11.28
C VAL A 46 13.27 16.62 11.16
N MET A 47 13.82 17.18 12.24
CA MET A 47 15.21 17.64 12.21
C MET A 47 16.17 16.49 11.95
N GLU A 48 15.98 15.36 12.65
CA GLU A 48 16.87 14.23 12.47
C GLU A 48 16.71 13.59 11.10
N ASN A 49 15.47 13.45 10.63
CA ASN A 49 15.26 12.92 9.29
C ASN A 49 15.82 13.85 8.23
N SER A 50 15.85 15.15 8.50
CA SER A 50 16.50 16.09 7.59
C SER A 50 17.98 15.76 7.41
N LYS A 51 18.69 15.57 8.52
CA LYS A 51 20.10 15.20 8.44
C LYS A 51 20.27 13.89 7.67
N VAL A 52 19.45 12.90 7.96
CA VAL A 52 19.54 11.61 7.28
C VAL A 52 19.25 11.77 5.78
N LEU A 53 18.16 12.48 5.46
CA LEU A 53 17.79 12.67 4.06
C LEU A 53 18.87 13.43 3.29
N GLY A 54 19.41 14.50 3.88
CA GLY A 54 20.48 15.23 3.23
C GLY A 54 21.66 14.34 2.88
N GLU A 55 22.06 13.49 3.83
CA GLU A 55 23.14 12.53 3.58
C GLU A 55 22.76 11.56 2.47
N ALA A 56 21.54 11.04 2.51
CA ALA A 56 21.10 10.08 1.51
C ALA A 56 21.07 10.70 0.11
N MET A 57 20.55 11.92 0.00
CA MET A 57 20.47 12.57 -1.30
C MET A 57 21.86 12.83 -1.89
N THR A 58 22.85 13.09 -1.04
CA THR A 58 24.23 13.17 -1.52
C THR A 58 24.71 11.82 -2.04
N GLY A 59 24.36 10.74 -1.34
CA GLY A 59 24.73 9.41 -1.81
C GLY A 59 24.00 9.01 -3.07
N ILE A 60 22.75 9.44 -3.22
CA ILE A 60 21.99 9.12 -4.43
C ILE A 60 22.69 9.66 -5.67
N SER A 61 23.09 10.93 -5.64
CA SER A 61 23.75 11.53 -6.79
C SER A 61 25.14 10.95 -7.00
N GLN A 62 25.96 10.92 -5.94
CA GLN A 62 27.33 10.45 -6.05
C GLN A 62 27.40 9.04 -6.61
N ASN A 63 26.54 8.13 -6.12
CA ASN A 63 26.65 6.74 -6.53
C ASN A 63 25.99 6.48 -7.88
N ALA A 64 24.99 7.28 -8.25
CA ALA A 64 24.47 7.22 -9.62
C ALA A 64 25.55 7.62 -10.62
N LYS A 65 26.31 8.68 -10.30
CA LYS A 65 27.39 9.10 -11.18
C LYS A 65 28.47 8.03 -11.30
N ASN A 66 29.01 7.58 -10.17
CA ASN A 66 30.14 6.66 -10.16
C ASN A 66 29.76 5.23 -10.51
N GLY A 67 28.48 4.95 -10.74
CA GLY A 67 28.07 3.60 -11.09
C GLY A 67 28.20 2.59 -9.98
N ASN A 68 28.19 3.02 -8.72
CA ASN A 68 28.20 2.10 -7.58
C ASN A 68 26.76 1.78 -7.24
N LEU A 69 26.20 0.84 -8.00
CA LEU A 69 24.78 0.53 -7.89
C LEU A 69 24.35 -0.02 -6.53
N PRO A 70 25.14 -0.87 -5.84
CA PRO A 70 24.72 -1.27 -4.48
C PRO A 70 24.57 -0.08 -3.54
N GLU A 71 25.55 0.81 -3.49
CA GLU A 71 25.43 1.98 -2.62
C GLU A 71 24.32 2.92 -3.09
N PHE A 72 24.07 2.97 -4.39
CA PHE A 72 22.95 3.76 -4.90
C PHE A 72 21.62 3.28 -4.33
N GLY A 73 21.34 1.97 -4.46
CA GLY A 73 20.10 1.42 -3.92
C GLY A 73 19.94 1.65 -2.43
N ASP A 74 21.04 1.57 -1.69
CA ASP A 74 20.97 1.81 -0.24
C ASP A 74 20.64 3.27 0.05
N ALA A 75 21.27 4.20 -0.68
CA ALA A 75 20.96 5.62 -0.51
C ALA A 75 19.49 5.89 -0.82
N ILE A 76 18.94 5.22 -1.84
CA ILE A 76 17.53 5.39 -2.17
C ILE A 76 16.65 4.88 -1.03
N ALA A 77 16.95 3.70 -0.50
CA ALA A 77 16.17 3.15 0.59
C ALA A 77 16.25 4.02 1.83
N THR A 78 17.45 4.50 2.17
CA THR A 78 17.61 5.42 3.29
C THR A 78 16.76 6.68 3.10
N ALA A 79 16.82 7.27 1.91
CA ALA A 79 16.01 8.45 1.61
C ALA A 79 14.52 8.15 1.78
N SER A 80 14.07 7.02 1.26
CA SER A 80 12.66 6.65 1.37
C SER A 80 12.22 6.54 2.82
N LYS A 81 13.07 5.96 3.67
CA LYS A 81 12.74 5.83 5.08
C LYS A 81 12.66 7.20 5.75
N ALA A 82 13.63 8.06 5.49
CA ALA A 82 13.61 9.41 6.05
C ALA A 82 12.36 10.17 5.63
N LEU A 83 12.03 10.11 4.32
CA LEU A 83 10.84 10.79 3.82
C LEU A 83 9.58 10.28 4.51
N CYS A 84 9.51 8.97 4.74
CA CYS A 84 8.38 8.42 5.47
C CYS A 84 8.38 8.89 6.93
N GLY A 85 9.56 8.98 7.53
CA GLY A 85 9.67 9.56 8.87
C GLY A 85 9.20 11.00 8.91
N PHE A 86 9.70 11.82 7.98
CA PHE A 86 9.22 13.20 7.83
C PHE A 86 7.69 13.25 7.81
N THR A 87 7.07 12.45 6.95
CA THR A 87 5.64 12.56 6.71
C THR A 87 4.84 12.18 7.96
N GLU A 88 5.26 11.13 8.66
CA GLU A 88 4.58 10.74 9.89
C GLU A 88 4.64 11.85 10.93
N ALA A 89 5.82 12.43 11.13
CA ALA A 89 5.93 13.55 12.08
C ALA A 89 5.11 14.74 11.63
N ALA A 90 5.16 15.09 10.35
CA ALA A 90 4.40 16.22 9.84
C ALA A 90 2.91 15.99 9.99
N ALA A 91 2.44 14.78 9.63
CA ALA A 91 1.01 14.48 9.76
C ALA A 91 0.58 14.49 11.22
N GLN A 92 1.43 13.98 12.11
CA GLN A 92 1.14 14.03 13.55
C GLN A 92 1.11 15.47 14.05
N ALA A 93 2.15 16.26 13.71
CA ALA A 93 2.18 17.66 14.12
C ALA A 93 0.97 18.43 13.59
N ALA A 94 0.60 18.20 12.32
CA ALA A 94 -0.55 18.88 11.75
C ALA A 94 -1.83 18.52 12.50
N TYR A 95 -2.00 17.23 12.84
CA TYR A 95 -3.15 16.82 13.65
C TYR A 95 -3.17 17.57 14.97
N LEU A 96 -2.05 17.55 15.69
CA LEU A 96 -1.97 18.24 16.98
C LEU A 96 -2.34 19.71 16.85
N VAL A 97 -1.87 20.37 15.78
CA VAL A 97 -2.19 21.77 15.56
C VAL A 97 -3.68 21.95 15.32
N GLY A 98 -4.26 21.09 14.49
CA GLY A 98 -5.68 21.21 14.17
C GLY A 98 -6.57 21.08 15.39
N VAL A 99 -6.35 20.03 16.19
CA VAL A 99 -7.20 19.81 17.37
C VAL A 99 -6.88 20.77 18.50
N SER A 100 -5.71 21.41 18.49
CA SER A 100 -5.38 22.41 19.50
C SER A 100 -6.36 23.57 19.48
N ASP A 101 -6.93 23.88 18.32
CA ASP A 101 -7.86 24.99 18.19
C ASP A 101 -9.02 24.83 19.18
N PRO A 102 -9.45 25.92 19.83
CA PRO A 102 -10.55 25.80 20.82
C PRO A 102 -11.85 25.25 20.23
N ASN A 103 -12.14 25.53 18.97
CA ASN A 103 -13.38 25.05 18.35
C ASN A 103 -13.21 23.69 17.68
N SER A 104 -12.06 23.06 17.83
CA SER A 104 -11.86 21.71 17.33
C SER A 104 -12.13 20.69 18.43
N GLN A 105 -12.49 19.48 18.01
CA GLN A 105 -12.67 18.36 18.92
C GLN A 105 -11.71 17.25 18.50
N ALA A 106 -10.93 16.76 19.45
CA ALA A 106 -9.93 15.74 19.16
C ALA A 106 -10.62 14.41 18.86
N GLY A 107 -9.88 13.54 18.20
CA GLY A 107 -10.44 12.22 17.93
C GLY A 107 -10.38 11.36 19.17
N GLN A 108 -11.06 10.22 19.10
CA GLN A 108 -11.12 9.28 20.20
C GLN A 108 -10.78 7.91 19.64
N GLN A 109 -9.71 7.32 20.17
CA GLN A 109 -9.33 5.98 19.73
C GLN A 109 -10.34 4.96 20.23
N GLY A 110 -10.54 3.93 19.43
CA GLY A 110 -11.50 2.90 19.79
C GLY A 110 -10.97 1.94 20.82
N LEU A 111 -11.88 1.17 21.41
CA LEU A 111 -11.47 0.14 22.35
C LEU A 111 -10.62 -0.91 21.68
N VAL A 112 -10.83 -1.14 20.39
CA VAL A 112 -10.18 -2.21 19.64
C VAL A 112 -9.69 -1.65 18.32
N GLU A 113 -8.50 -2.08 17.91
CA GLU A 113 -7.97 -1.71 16.61
C GLU A 113 -8.85 -2.36 15.55
N PRO A 114 -9.49 -1.57 14.66
CA PRO A 114 -10.65 -2.10 13.91
C PRO A 114 -10.39 -3.31 13.03
N THR A 115 -9.38 -3.27 12.17
CA THR A 115 -9.23 -4.32 11.17
C THR A 115 -8.44 -5.52 11.70
N GLN A 116 -7.45 -5.29 12.54
CA GLN A 116 -6.65 -6.39 13.08
C GLN A 116 -7.49 -7.39 13.88
N PHE A 117 -8.68 -6.98 14.33
CA PHE A 117 -9.60 -7.94 14.93
C PHE A 117 -10.17 -8.88 13.87
N ALA A 118 -10.56 -8.33 12.72
CA ALA A 118 -11.02 -9.16 11.62
C ALA A 118 -9.88 -9.96 11.02
N ARG A 119 -8.66 -9.43 11.08
CA ARG A 119 -7.49 -10.16 10.63
C ARG A 119 -7.29 -11.42 11.46
N ALA A 120 -7.30 -11.27 12.79
CA ALA A 120 -7.19 -12.41 13.68
C ALA A 120 -8.34 -13.39 13.47
N ASN A 121 -9.57 -12.88 13.40
CA ASN A 121 -10.72 -13.74 13.15
C ASN A 121 -10.52 -14.58 11.88
N GLN A 122 -10.09 -13.93 10.80
CA GLN A 122 -9.88 -14.66 9.55
C GLN A 122 -8.75 -15.67 9.68
N ALA A 123 -7.63 -15.27 10.29
CA ALA A 123 -6.49 -16.18 10.45
C ALA A 123 -6.87 -17.41 11.27
N ILE A 124 -7.62 -17.21 12.35
CA ILE A 124 -8.05 -18.34 13.17
C ILE A 124 -9.06 -19.19 12.42
N GLN A 125 -9.97 -18.55 11.67
CA GLN A 125 -10.96 -19.28 10.90
C GLN A 125 -10.28 -20.18 9.87
N MET A 126 -9.27 -19.67 9.17
CA MET A 126 -8.60 -20.47 8.16
C MET A 126 -7.65 -21.50 8.76
N ALA A 127 -7.01 -21.17 9.89
CA ALA A 127 -6.25 -22.18 10.61
C ALA A 127 -7.17 -23.33 11.05
N CYS A 128 -8.32 -23.00 11.64
CA CYS A 128 -9.27 -24.02 12.04
C CYS A 128 -9.81 -24.77 10.82
N GLN A 129 -9.99 -24.06 9.71
CA GLN A 129 -10.42 -24.71 8.47
C GLN A 129 -9.44 -25.81 8.07
N SER A 130 -8.14 -25.54 8.15
CA SER A 130 -7.14 -26.56 7.86
C SER A 130 -7.26 -27.73 8.81
N LEU A 131 -7.40 -27.46 10.12
CA LEU A 131 -7.53 -28.53 11.11
C LEU A 131 -8.80 -29.34 10.91
N GLY A 132 -9.83 -28.78 10.29
CA GLY A 132 -11.04 -29.52 10.01
C GLY A 132 -11.03 -30.32 8.73
N GLU A 133 -10.04 -30.13 7.87
CA GLU A 133 -9.99 -30.84 6.61
C GLU A 133 -9.60 -32.30 6.83
N PRO A 134 -10.33 -33.25 6.25
CA PRO A 134 -9.94 -34.67 6.40
C PRO A 134 -8.54 -34.98 5.91
N GLY A 135 -8.04 -34.25 4.91
CA GLY A 135 -6.71 -34.46 4.40
C GLY A 135 -5.59 -33.75 5.15
N CYS A 136 -5.90 -33.08 6.25
CA CYS A 136 -4.90 -32.31 6.99
C CYS A 136 -3.73 -33.18 7.42
N THR A 137 -2.53 -32.76 7.07
CA THR A 137 -1.32 -33.47 7.43
C THR A 137 -0.77 -32.98 8.77
N GLN A 138 0.23 -33.71 9.28
CA GLN A 138 0.81 -33.37 10.58
C GLN A 138 1.50 -32.01 10.53
N ALA A 139 2.22 -31.73 9.44
CA ALA A 139 2.85 -30.42 9.30
C ALA A 139 1.80 -29.31 9.28
N GLN A 140 0.65 -29.56 8.67
CA GLN A 140 -0.41 -28.56 8.63
C GLN A 140 -1.02 -28.34 10.00
N VAL A 141 -1.10 -29.39 10.83
CA VAL A 141 -1.56 -29.21 12.20
C VAL A 141 -0.63 -28.26 12.93
N LEU A 142 0.68 -28.44 12.75
CA LEU A 142 1.65 -27.58 13.42
C LEU A 142 1.56 -26.15 12.92
N SER A 143 1.53 -25.96 11.59
CA SER A 143 1.45 -24.60 11.05
C SER A 143 0.15 -23.92 11.48
N ALA A 144 -0.97 -24.64 11.42
CA ALA A 144 -2.24 -24.09 11.90
C ALA A 144 -2.18 -23.76 13.39
N ALA A 145 -1.49 -24.61 14.17
CA ALA A 145 -1.37 -24.35 15.61
C ALA A 145 -0.61 -23.06 15.88
N THR A 146 0.43 -22.78 15.09
CA THR A 146 1.17 -21.54 15.28
C THR A 146 0.31 -20.32 14.97
N ILE A 147 -0.51 -20.43 13.93
CA ILE A 147 -1.44 -19.34 13.59
C ILE A 147 -2.44 -19.14 14.73
N VAL A 148 -3.04 -20.23 15.21
CA VAL A 148 -3.99 -20.15 16.31
C VAL A 148 -3.36 -19.48 17.52
N ALA A 149 -2.17 -19.95 17.92
CA ALA A 149 -1.52 -19.43 19.13
C ALA A 149 -1.24 -17.94 19.01
N LYS A 150 -0.71 -17.50 17.88
CA LYS A 150 -0.40 -16.09 17.67
C LYS A 150 -1.63 -15.22 17.83
N HIS A 151 -2.70 -15.53 17.08
CA HIS A 151 -3.86 -14.66 17.05
C HIS A 151 -4.78 -14.80 18.26
N THR A 152 -4.88 -15.99 18.87
CA THR A 152 -5.66 -16.08 20.10
C THR A 152 -5.00 -15.31 21.22
N SER A 153 -3.67 -15.35 21.29
CA SER A 153 -2.95 -14.54 22.27
C SER A 153 -3.22 -13.06 22.06
N ALA A 154 -3.18 -12.61 20.81
CA ALA A 154 -3.48 -11.21 20.52
C ALA A 154 -4.92 -10.86 20.90
N LEU A 155 -5.86 -11.72 20.53
CA LEU A 155 -7.27 -11.46 20.83
C LEU A 155 -7.51 -11.32 22.33
N CYS A 156 -6.89 -12.19 23.13
CA CYS A 156 -7.09 -12.12 24.58
C CYS A 156 -6.44 -10.87 25.17
N ASN A 157 -5.29 -10.48 24.62
CA ASN A 157 -4.65 -9.23 25.05
C ASN A 157 -5.52 -8.03 24.71
N SER A 158 -6.05 -7.99 23.49
CA SER A 158 -6.95 -6.92 23.10
C SER A 158 -8.22 -6.90 23.96
N CYS A 159 -8.70 -8.07 24.38
CA CYS A 159 -9.87 -8.12 25.25
C CYS A 159 -9.56 -7.53 26.62
N ARG A 160 -8.41 -7.89 27.19
CA ARG A 160 -8.01 -7.35 28.48
C ARG A 160 -7.90 -5.83 28.43
N LEU A 161 -7.25 -5.32 27.38
CA LEU A 161 -7.06 -3.87 27.26
C LEU A 161 -8.38 -3.16 27.01
N ALA A 162 -9.19 -3.68 26.09
CA ALA A 162 -10.48 -3.05 25.80
C ALA A 162 -11.37 -3.01 27.03
N SER A 163 -11.34 -4.09 27.83
CA SER A 163 -12.14 -4.12 29.05
C SER A 163 -11.69 -3.05 30.03
N ALA A 164 -10.36 -2.84 30.15
CA ALA A 164 -9.85 -1.86 31.09
C ALA A 164 -10.18 -0.44 30.70
N ARG A 165 -10.31 -0.16 29.39
CA ARG A 165 -10.51 1.20 28.91
C ARG A 165 -11.98 1.62 28.91
N THR A 166 -12.89 0.69 28.65
CA THR A 166 -14.30 1.03 28.48
C THR A 166 -14.93 1.44 29.81
N ALA A 167 -15.82 2.44 29.75
CA ALA A 167 -16.67 2.79 30.87
C ALA A 167 -18.01 2.05 30.83
N ASN A 168 -18.30 1.36 29.73
CA ASN A 168 -19.52 0.60 29.57
C ASN A 168 -19.44 -0.67 30.41
N PRO A 169 -20.27 -0.83 31.44
CA PRO A 169 -20.15 -2.02 32.29
C PRO A 169 -20.43 -3.32 31.54
N THR A 170 -21.42 -3.33 30.66
CA THR A 170 -21.71 -4.52 29.87
C THR A 170 -20.52 -4.90 29.00
N ALA A 171 -19.92 -3.92 28.32
CA ALA A 171 -18.76 -4.19 27.48
C ALA A 171 -17.60 -4.71 28.32
N LYS A 172 -17.37 -4.12 29.50
CA LYS A 172 -16.29 -4.56 30.37
C LYS A 172 -16.40 -6.06 30.68
N ARG A 173 -17.61 -6.50 31.03
CA ARG A 173 -17.81 -7.91 31.35
C ARG A 173 -17.75 -8.78 30.11
N GLN A 174 -18.28 -8.30 28.98
CA GLN A 174 -18.30 -9.11 27.77
C GLN A 174 -16.89 -9.39 27.25
N PHE A 175 -16.04 -8.35 27.22
CA PHE A 175 -14.66 -8.55 26.76
C PHE A 175 -13.91 -9.54 27.65
N VAL A 176 -14.15 -9.49 28.96
CA VAL A 176 -13.52 -10.45 29.85
C VAL A 176 -14.07 -11.85 29.60
N GLN A 177 -15.38 -11.97 29.39
CA GLN A 177 -15.99 -13.26 29.12
C GLN A 177 -15.49 -13.86 27.81
N SER A 178 -15.42 -13.03 26.76
CA SER A 178 -14.91 -13.52 25.48
C SER A 178 -13.46 -13.97 25.59
N ALA A 179 -12.64 -13.24 26.35
CA ALA A 179 -11.26 -13.66 26.55
C ALA A 179 -11.18 -15.04 27.17
N LYS A 180 -12.06 -15.32 28.14
CA LYS A 180 -12.05 -16.66 28.75
C LYS A 180 -12.51 -17.71 27.75
N GLU A 181 -13.57 -17.41 26.99
CA GLU A 181 -14.07 -18.35 25.99
C GLU A 181 -12.99 -18.69 24.97
N VAL A 182 -12.25 -17.68 24.51
CA VAL A 182 -11.17 -17.92 23.55
C VAL A 182 -10.04 -18.71 24.21
N ALA A 183 -9.65 -18.30 25.42
CA ALA A 183 -8.57 -18.99 26.12
C ALA A 183 -8.92 -20.45 26.41
N ASN A 184 -10.15 -20.69 26.92
CA ASN A 184 -10.55 -22.05 27.24
C ASN A 184 -10.62 -22.93 26.00
N SER A 185 -11.30 -22.46 24.95
CA SER A 185 -11.42 -23.23 23.73
C SER A 185 -10.05 -23.47 23.09
N THR A 186 -9.17 -22.47 23.11
CA THR A 186 -7.84 -22.65 22.55
C THR A 186 -7.06 -23.71 23.32
N ALA A 187 -7.09 -23.64 24.65
CA ALA A 187 -6.41 -24.64 25.47
C ALA A 187 -6.96 -26.03 25.18
N ASN A 188 -8.29 -26.14 25.04
CA ASN A 188 -8.91 -27.41 24.71
C ASN A 188 -8.43 -27.92 23.35
N LEU A 189 -8.29 -27.02 22.38
CA LEU A 189 -7.79 -27.42 21.07
C LEU A 189 -6.33 -27.85 21.15
N VAL A 190 -5.51 -27.13 21.92
CA VAL A 190 -4.11 -27.51 22.08
C VAL A 190 -3.99 -28.87 22.76
N LYS A 191 -4.90 -29.18 23.68
CA LYS A 191 -4.91 -30.50 24.30
C LYS A 191 -5.12 -31.60 23.25
N THR A 192 -6.08 -31.41 22.36
CA THR A 192 -6.32 -32.39 21.31
C THR A 192 -5.13 -32.50 20.36
N ILE A 193 -4.44 -31.39 20.11
CA ILE A 193 -3.28 -31.40 19.23
C ILE A 193 -2.14 -32.19 19.86
N LYS A 194 -1.95 -32.08 21.17
CA LYS A 194 -0.90 -32.84 21.83
C LYS A 194 -1.19 -34.34 21.79
N ALA A 195 -2.43 -34.73 22.08
CA ALA A 195 -2.83 -36.13 21.95
C ALA A 195 -2.64 -36.61 20.52
N LEU A 196 -3.00 -35.79 19.55
CA LEU A 196 -2.78 -36.14 18.14
C LEU A 196 -1.31 -36.40 17.86
N ASP A 197 -0.43 -35.56 18.42
CA ASP A 197 1.01 -35.72 18.18
C ASP A 197 1.51 -37.06 18.72
N GLY A 198 1.07 -37.45 19.91
CA GLY A 198 1.51 -38.71 20.48
C GLY A 198 0.91 -39.92 19.81
N ASP A 199 -0.29 -39.79 19.25
CA ASP A 199 -1.00 -40.92 18.65
C ASP A 199 -1.93 -40.37 17.58
N PHE A 200 -1.49 -40.46 16.32
CA PHE A 200 -2.19 -39.84 15.20
C PHE A 200 -3.34 -40.70 14.70
N THR A 201 -4.24 -41.10 15.60
CA THR A 201 -5.34 -41.99 15.26
C THR A 201 -6.50 -41.23 14.63
N GLU A 202 -7.45 -41.99 14.07
CA GLU A 202 -8.65 -41.39 13.51
C GLU A 202 -9.52 -40.77 14.60
N GLU A 203 -9.51 -41.35 15.80
CA GLU A 203 -10.23 -40.76 16.93
C GLU A 203 -9.61 -39.41 17.32
N ASN A 204 -8.30 -39.38 17.51
CA ASN A 204 -7.63 -38.13 17.85
C ASN A 204 -7.77 -37.09 16.74
N ARG A 205 -7.82 -37.54 15.47
CA ARG A 205 -8.05 -36.61 14.38
C ARG A 205 -9.44 -35.99 14.47
N ALA A 206 -10.46 -36.82 14.72
CA ALA A 206 -11.81 -36.29 14.85
C ALA A 206 -11.96 -35.42 16.10
N GLN A 207 -11.26 -35.77 17.18
CA GLN A 207 -11.31 -34.96 18.39
C GLN A 207 -10.76 -33.57 18.14
N CYS A 208 -9.60 -33.49 17.49
CA CYS A 208 -9.02 -32.20 17.13
C CYS A 208 -9.97 -31.40 16.25
N ARG A 209 -10.53 -32.05 15.22
CA ARG A 209 -11.49 -31.40 14.35
C ARG A 209 -12.66 -30.83 15.14
N ALA A 210 -13.21 -31.62 16.06
CA ALA A 210 -14.34 -31.16 16.87
C ALA A 210 -13.97 -29.98 17.75
N ALA A 211 -12.73 -29.94 18.26
CA ALA A 211 -12.33 -28.86 19.15
C ALA A 211 -12.22 -27.51 18.45
N THR A 212 -12.20 -27.49 17.11
CA THR A 212 -12.17 -26.21 16.42
C THR A 212 -13.48 -25.45 16.56
N ALA A 213 -14.59 -26.17 16.68
CA ALA A 213 -15.90 -25.52 16.71
C ALA A 213 -16.08 -24.59 17.91
N PRO A 214 -15.79 -24.98 19.15
CA PRO A 214 -15.91 -24.00 20.25
C PRO A 214 -15.03 -22.77 20.06
N LEU A 215 -13.84 -22.94 19.46
CA LEU A 215 -12.95 -21.81 19.22
C LEU A 215 -13.55 -20.86 18.18
N LEU A 216 -14.02 -21.42 17.05
CA LEU A 216 -14.64 -20.60 16.02
C LEU A 216 -15.83 -19.81 16.58
N GLU A 217 -16.67 -20.48 17.38
CA GLU A 217 -17.83 -19.81 17.98
C GLU A 217 -17.39 -18.64 18.87
N ALA A 218 -16.39 -18.87 19.71
CA ALA A 218 -15.91 -17.82 20.60
C ALA A 218 -15.36 -16.64 19.82
N VAL A 219 -14.50 -16.91 18.84
CA VAL A 219 -13.90 -15.84 18.05
C VAL A 219 -14.96 -15.14 17.22
N ASP A 220 -15.99 -15.86 16.77
CA ASP A 220 -17.03 -15.24 15.97
C ASP A 220 -17.93 -14.35 16.84
N ASN A 221 -18.32 -14.83 18.02
CA ASN A 221 -19.11 -14.01 18.93
C ASN A 221 -18.32 -12.77 19.34
N LEU A 222 -17.02 -12.92 19.58
CA LEU A 222 -16.18 -11.79 19.96
C LEU A 222 -16.06 -10.78 18.83
N SER A 223 -15.80 -11.25 17.61
CA SER A 223 -15.68 -10.37 16.46
C SER A 223 -16.98 -9.62 16.21
N ALA A 224 -18.12 -10.31 16.29
CA ALA A 224 -19.41 -9.66 16.16
C ALA A 224 -19.56 -8.55 17.20
N PHE A 225 -19.31 -8.89 18.47
CA PHE A 225 -19.49 -7.92 19.55
C PHE A 225 -18.55 -6.73 19.39
N ALA A 226 -17.27 -7.00 19.10
CA ALA A 226 -16.27 -5.94 19.04
C ALA A 226 -16.42 -5.04 17.81
N SER A 227 -17.19 -5.46 16.80
CA SER A 227 -17.37 -4.66 15.61
C SER A 227 -18.44 -3.59 15.77
N ASN A 228 -19.17 -3.60 16.87
CA ASN A 228 -20.14 -2.55 17.18
C ASN A 228 -19.50 -1.17 17.01
N PRO A 229 -20.18 -0.22 16.36
CA PRO A 229 -19.56 1.11 16.15
C PRO A 229 -19.23 1.83 17.45
N GLU A 230 -20.00 1.58 18.52
CA GLU A 230 -19.73 2.16 19.83
C GLU A 230 -18.27 2.03 20.24
N PHE A 231 -17.61 0.95 19.85
CA PHE A 231 -16.25 0.66 20.28
C PHE A 231 -15.20 1.10 19.27
N SER A 232 -15.60 1.69 18.15
CA SER A 232 -14.64 2.09 17.12
C SER A 232 -14.19 3.53 17.34
N SER A 233 -13.06 3.86 16.72
CA SER A 233 -12.49 5.20 16.85
C SER A 233 -13.46 6.24 16.28
N VAL A 234 -13.39 7.45 16.84
CA VAL A 234 -14.16 8.59 16.38
C VAL A 234 -13.20 9.61 15.79
N PRO A 235 -13.38 10.03 14.54
CA PRO A 235 -12.47 11.01 13.95
C PRO A 235 -12.64 12.39 14.57
N ALA A 236 -11.54 13.14 14.58
CA ALA A 236 -11.56 14.51 15.10
C ALA A 236 -12.40 15.42 14.21
N GLN A 237 -13.04 16.39 14.84
CA GLN A 237 -13.80 17.42 14.15
C GLN A 237 -12.98 18.71 14.22
N ILE A 238 -12.16 18.94 13.19
CA ILE A 238 -11.25 20.08 13.17
C ILE A 238 -11.97 21.29 12.57
N SER A 239 -11.91 22.42 13.29
CA SER A 239 -12.59 23.63 12.86
C SER A 239 -11.89 24.25 11.65
N PRO A 240 -12.58 25.14 10.93
CA PRO A 240 -11.91 25.88 9.84
C PRO A 240 -10.63 26.57 10.26
N GLU A 241 -10.61 27.14 11.47
CA GLU A 241 -9.39 27.77 11.96
C GLU A 241 -8.29 26.74 12.16
N GLY A 242 -8.63 25.57 12.71
CA GLY A 242 -7.66 24.50 12.82
C GLY A 242 -7.11 24.05 11.48
N ARG A 243 -7.98 23.96 10.47
CA ARG A 243 -7.52 23.57 9.14
C ARG A 243 -6.55 24.58 8.56
N ALA A 244 -6.87 25.87 8.67
CA ALA A 244 -5.95 26.90 8.20
C ALA A 244 -4.63 26.84 8.93
N ALA A 245 -4.66 26.67 10.26
CA ALA A 245 -3.43 26.63 11.04
C ALA A 245 -2.54 25.46 10.62
N MET A 246 -3.12 24.29 10.38
CA MET A 246 -2.30 23.13 10.06
C MET A 246 -1.89 23.07 8.59
N GLU A 247 -2.54 23.84 7.72
CA GLU A 247 -2.27 23.75 6.29
C GLU A 247 -0.82 24.04 5.89
N PRO A 248 -0.13 25.05 6.43
CA PRO A 248 1.27 25.25 6.04
C PRO A 248 2.14 24.02 6.27
N ILE A 249 1.93 23.31 7.38
CA ILE A 249 2.66 22.07 7.62
C ILE A 249 2.27 21.03 6.57
N VAL A 250 0.98 20.91 6.29
CA VAL A 250 0.49 19.86 5.39
C VAL A 250 1.04 20.06 3.98
N ILE A 251 0.90 21.27 3.42
CA ILE A 251 1.28 21.50 2.04
C ILE A 251 2.79 21.37 1.85
N SER A 252 3.56 21.81 2.85
CA SER A 252 5.01 21.65 2.77
C SER A 252 5.41 20.19 2.74
N ALA A 253 4.77 19.36 3.57
CA ALA A 253 5.06 17.94 3.55
C ALA A 253 4.58 17.29 2.26
N LYS A 254 3.41 17.71 1.76
CA LYS A 254 2.93 17.22 0.47
C LYS A 254 3.90 17.57 -0.66
N THR A 255 4.43 18.80 -0.64
CA THR A 255 5.34 19.23 -1.69
C THR A 255 6.67 18.48 -1.61
N MET A 256 7.13 18.19 -0.40
CA MET A 256 8.33 17.38 -0.23
C MET A 256 8.18 16.02 -0.89
N LEU A 257 7.07 15.33 -0.61
CA LEU A 257 6.85 14.00 -1.17
C LEU A 257 6.77 14.03 -2.69
N GLU A 258 6.06 15.02 -3.24
CA GLU A 258 5.95 15.12 -4.69
C GLU A 258 7.32 15.33 -5.33
N SER A 259 8.08 16.31 -4.84
CA SER A 259 9.39 16.58 -5.41
C SER A 259 10.35 15.43 -5.19
N ALA A 260 10.27 14.77 -4.03
CA ALA A 260 11.10 13.59 -3.79
C ALA A 260 10.78 12.47 -4.79
N GLY A 261 9.50 12.34 -5.17
CA GLY A 261 9.15 11.38 -6.20
C GLY A 261 9.85 11.67 -7.52
N GLY A 262 9.82 12.94 -7.94
CA GLY A 262 10.54 13.33 -9.14
C GLY A 262 12.04 13.06 -9.05
N LEU A 263 12.63 13.35 -7.89
CA LEU A 263 14.05 13.10 -7.69
C LEU A 263 14.39 11.63 -7.87
N ILE A 264 13.59 10.75 -7.27
CA ILE A 264 13.88 9.31 -7.35
C ILE A 264 13.67 8.81 -8.78
N GLN A 265 12.60 9.26 -9.44
CA GLN A 265 12.38 8.88 -10.84
C GLN A 265 13.51 9.35 -11.73
N THR A 266 14.01 10.57 -11.50
CA THR A 266 15.16 11.07 -12.26
C THR A 266 16.41 10.27 -11.94
N ALA A 267 16.66 10.00 -10.66
CA ALA A 267 17.83 9.21 -10.26
C ALA A 267 17.76 7.81 -10.84
N ARG A 268 16.56 7.22 -10.89
CA ARG A 268 16.37 5.91 -11.50
C ARG A 268 16.93 5.88 -12.93
N ALA A 269 16.61 6.91 -13.72
CA ALA A 269 17.12 7.00 -15.08
C ALA A 269 18.63 7.27 -15.08
N LEU A 270 19.11 8.11 -14.16
CA LEU A 270 20.53 8.43 -14.13
C LEU A 270 21.37 7.23 -13.72
N ALA A 271 20.85 6.37 -12.86
CA ALA A 271 21.58 5.16 -12.49
C ALA A 271 21.85 4.30 -13.70
N VAL A 272 20.91 4.25 -14.64
CA VAL A 272 21.10 3.46 -15.86
C VAL A 272 22.13 4.13 -16.77
N ASN A 273 21.96 5.43 -17.03
CA ASN A 273 22.89 6.19 -17.85
C ASN A 273 23.18 7.53 -17.17
N PRO A 274 24.28 7.64 -16.43
CA PRO A 274 24.59 8.92 -15.77
C PRO A 274 25.08 9.99 -16.73
N ARG A 275 25.51 9.62 -17.94
CA ARG A 275 25.97 10.58 -18.93
C ARG A 275 24.75 11.26 -19.55
N ASP A 276 24.21 12.23 -18.80
CA ASP A 276 22.96 12.88 -19.18
C ASP A 276 22.85 14.23 -18.50
N PRO A 277 23.52 15.27 -19.03
CA PRO A 277 23.50 16.59 -18.39
C PRO A 277 22.09 17.14 -18.18
N PRO A 278 21.16 16.98 -19.14
CA PRO A 278 19.79 17.45 -18.86
C PRO A 278 19.17 16.86 -17.60
N ARG A 279 19.26 15.55 -17.40
CA ARG A 279 18.63 14.95 -16.22
C ARG A 279 19.34 15.34 -14.92
N TRP A 280 20.65 15.57 -14.98
CA TRP A 280 21.35 16.08 -13.79
C TRP A 280 20.83 17.44 -13.38
N SER A 281 20.43 18.27 -14.35
CA SER A 281 19.80 19.55 -14.03
C SER A 281 18.42 19.33 -13.43
N VAL A 282 17.64 18.41 -14.03
CA VAL A 282 16.32 18.08 -13.50
C VAL A 282 16.45 17.58 -12.06
N LEU A 283 17.43 16.72 -11.80
CA LEU A 283 17.65 16.21 -10.45
C LEU A 283 17.94 17.36 -9.48
N ALA A 284 18.81 18.30 -9.88
CA ALA A 284 19.09 19.46 -9.04
C ALA A 284 17.84 20.26 -8.75
N GLY A 285 16.96 20.40 -9.76
CA GLY A 285 15.69 21.08 -9.54
C GLY A 285 14.84 20.40 -8.48
N HIS A 286 14.67 19.08 -8.59
CA HIS A 286 13.91 18.35 -7.60
C HIS A 286 14.57 18.42 -6.22
N SER A 287 15.90 18.29 -6.18
CA SER A 287 16.63 18.36 -4.92
C SER A 287 16.35 19.68 -4.20
N ARG A 288 16.46 20.80 -4.92
CA ARG A 288 16.22 22.11 -4.31
C ARG A 288 14.80 22.23 -3.80
N THR A 289 13.82 21.73 -4.58
CA THR A 289 12.44 21.80 -4.16
C THR A 289 12.19 20.94 -2.92
N VAL A 290 12.86 19.79 -2.83
CA VAL A 290 12.79 18.98 -1.62
C VAL A 290 13.35 19.76 -0.43
N SER A 291 14.54 20.34 -0.61
CA SER A 291 15.18 21.11 0.46
C SER A 291 14.33 22.31 0.87
N ASP A 292 13.81 23.05 -0.11
CA ASP A 292 12.95 24.19 0.20
C ASP A 292 11.69 23.76 0.95
N SER A 293 11.11 22.64 0.53
CA SER A 293 9.91 22.14 1.21
C SER A 293 10.20 21.81 2.67
N ILE A 294 11.32 21.16 2.94
CA ILE A 294 11.72 20.86 4.31
C ILE A 294 11.91 22.14 5.10
N LYS A 295 12.60 23.13 4.51
CA LYS A 295 12.80 24.41 5.17
C LYS A 295 11.47 25.04 5.56
N LYS A 296 10.50 25.05 4.63
CA LYS A 296 9.19 25.60 4.95
C LYS A 296 8.49 24.78 6.03
N LEU A 297 8.69 23.47 6.03
CA LEU A 297 8.09 22.61 7.04
C LEU A 297 8.65 22.94 8.43
N ILE A 298 9.98 22.98 8.55
CA ILE A 298 10.61 23.33 9.82
C ILE A 298 10.19 24.73 10.25
N THR A 299 10.17 25.68 9.30
CA THR A 299 9.75 27.04 9.61
C THR A 299 8.32 27.07 10.13
N SER A 300 7.39 26.42 9.42
CA SER A 300 6.01 26.35 9.85
C SER A 300 5.89 25.76 11.26
N MET A 301 6.62 24.68 11.53
CA MET A 301 6.52 24.03 12.82
C MET A 301 7.15 24.88 13.93
N ARG A 302 8.28 25.52 13.64
CA ARG A 302 8.91 26.40 14.63
C ARG A 302 8.04 27.61 14.94
N ASP A 303 7.27 28.10 13.97
CA ASP A 303 6.38 29.24 14.22
C ASP A 303 5.36 28.91 15.30
N LYS A 304 4.83 27.69 15.30
CA LYS A 304 3.82 27.28 16.27
C LYS A 304 4.40 26.66 17.53
N ALA A 305 5.69 26.35 17.54
CA ALA A 305 6.30 25.70 18.71
C ALA A 305 6.11 26.46 20.02
N PRO A 306 6.20 27.79 20.09
CA PRO A 306 5.99 28.47 21.39
C PRO A 306 4.66 28.15 22.04
N GLY A 307 3.61 27.89 21.26
CA GLY A 307 2.32 27.55 21.83
C GLY A 307 2.24 26.17 22.45
N GLN A 308 3.28 25.34 22.29
CA GLN A 308 3.29 24.00 22.83
C GLN A 308 4.37 23.82 23.90
N LEU A 309 4.89 24.91 24.44
CA LEU A 309 5.84 24.86 25.55
C LEU A 309 5.13 24.59 26.88
N GLY B 1 23.18 -8.46 15.71
CA GLY B 1 24.02 -8.25 14.55
C GLY B 1 23.57 -8.95 13.28
N ILE B 2 22.44 -8.52 12.75
CA ILE B 2 21.95 -9.04 11.46
C ILE B 2 22.71 -8.33 10.34
N ASP B 3 23.40 -9.12 9.51
CA ASP B 3 24.23 -8.54 8.45
C ASP B 3 23.35 -7.85 7.40
N PRO B 4 23.91 -6.87 6.67
CA PRO B 4 23.06 -6.08 5.76
C PRO B 4 22.43 -6.89 4.64
N PHE B 5 23.06 -7.99 4.22
CA PHE B 5 22.49 -8.80 3.13
C PHE B 5 21.29 -9.61 3.63
N THR B 6 21.38 -10.17 4.84
CA THR B 6 20.21 -10.80 5.45
C THR B 6 19.12 -9.76 5.70
N LYS B 7 19.52 -8.53 6.05
CA LYS B 7 18.54 -7.46 6.24
C LYS B 7 17.76 -7.17 4.96
N HIS B 8 18.44 -7.27 3.80
CA HIS B 8 17.75 -7.07 2.54
C HIS B 8 16.72 -8.18 2.29
N GLY B 9 17.09 -9.42 2.60
CA GLY B 9 16.13 -10.52 2.46
C GLY B 9 14.91 -10.33 3.34
N GLN B 10 15.11 -9.90 4.59
CA GLN B 10 13.99 -9.58 5.46
C GLN B 10 13.13 -8.47 4.87
N LYS B 11 13.77 -7.50 4.21
CA LYS B 11 13.02 -6.39 3.61
C LYS B 11 12.14 -6.88 2.45
N GLU B 12 12.67 -7.79 1.64
CA GLU B 12 11.87 -8.35 0.55
C GLU B 12 10.64 -9.08 1.10
N CYS B 13 10.82 -9.82 2.19
CA CYS B 13 9.69 -10.46 2.85
C CYS B 13 8.66 -9.43 3.30
N ASP B 14 9.12 -8.34 3.92
CA ASP B 14 8.20 -7.31 4.39
C ASP B 14 7.51 -6.60 3.22
N ASN B 15 8.24 -6.38 2.12
CA ASN B 15 7.62 -5.84 0.91
C ASN B 15 6.53 -6.77 0.40
N ALA B 16 6.86 -8.06 0.27
CA ALA B 16 5.89 -9.07 -0.16
C ALA B 16 4.64 -9.06 0.73
N LEU B 17 4.84 -9.07 2.05
CA LEU B 17 3.70 -9.10 2.96
C LEU B 17 2.82 -7.86 2.80
N ARG B 18 3.43 -6.70 2.56
CA ARG B 18 2.65 -5.49 2.28
C ARG B 18 1.83 -5.67 1.00
N GLN B 19 2.49 -6.14 -0.07
CA GLN B 19 1.81 -6.31 -1.34
C GLN B 19 0.65 -7.29 -1.23
N LEU B 20 0.83 -8.36 -0.46
CA LEU B 20 -0.26 -9.32 -0.27
C LEU B 20 -1.45 -8.67 0.42
N GLU B 21 -1.18 -7.83 1.43
CA GLU B 21 -2.27 -7.14 2.12
C GLU B 21 -2.96 -6.14 1.22
N THR B 22 -2.21 -5.49 0.32
CA THR B 22 -2.82 -4.56 -0.63
C THR B 22 -3.73 -5.27 -1.61
N VAL B 23 -3.20 -6.30 -2.29
CA VAL B 23 -3.98 -6.99 -3.32
C VAL B 23 -5.16 -7.75 -2.73
N ARG B 24 -5.11 -8.07 -1.43
CA ARG B 24 -6.22 -8.76 -0.78
C ARG B 24 -7.53 -7.98 -0.87
N GLU B 25 -7.45 -6.64 -0.92
CA GLU B 25 -8.65 -5.83 -1.02
C GLU B 25 -9.44 -6.12 -2.30
N LEU B 26 -8.76 -6.57 -3.36
CA LEU B 26 -9.47 -6.92 -4.59
C LEU B 26 -10.56 -7.95 -4.35
N LEU B 27 -10.40 -8.79 -3.33
CA LEU B 27 -11.34 -9.85 -3.02
C LEU B 27 -12.46 -9.41 -2.08
N GLU B 28 -12.37 -8.20 -1.53
CA GLU B 28 -13.35 -7.77 -0.52
C GLU B 28 -14.74 -7.63 -1.13
N ASN B 29 -14.84 -6.97 -2.28
CA ASN B 29 -16.15 -6.76 -2.88
C ASN B 29 -16.02 -6.54 -4.39
N PRO B 30 -15.83 -7.61 -5.17
CA PRO B 30 -15.68 -7.44 -6.63
C PRO B 30 -16.97 -6.98 -7.30
N VAL B 31 -17.13 -5.67 -7.45
CA VAL B 31 -18.27 -5.09 -8.15
C VAL B 31 -17.83 -4.38 -9.43
N GLN B 32 -16.55 -4.51 -9.79
CA GLN B 32 -15.99 -3.93 -11.00
C GLN B 32 -14.99 -4.92 -11.55
N PRO B 33 -14.73 -4.88 -12.86
CA PRO B 33 -13.66 -5.72 -13.41
C PRO B 33 -12.30 -5.20 -12.96
N ILE B 34 -11.37 -6.13 -12.78
CA ILE B 34 -10.01 -5.77 -12.41
C ILE B 34 -9.16 -5.52 -13.64
N ASN B 35 -9.40 -6.25 -14.73
CA ASN B 35 -8.60 -6.13 -15.94
C ASN B 35 -9.48 -6.52 -17.13
N ASP B 36 -8.84 -6.77 -18.27
CA ASP B 36 -9.53 -7.08 -19.51
C ASP B 36 -9.71 -8.58 -19.76
N MET B 37 -9.18 -9.42 -18.87
CA MET B 37 -9.19 -10.87 -19.11
C MET B 37 -10.61 -11.41 -19.21
N SER B 38 -10.80 -12.36 -20.12
CA SER B 38 -12.00 -13.17 -20.15
C SER B 38 -11.94 -14.20 -19.02
N TYR B 39 -12.99 -15.01 -18.90
CA TYR B 39 -13.00 -16.02 -17.85
C TYR B 39 -11.89 -17.04 -18.06
N PHE B 40 -11.78 -17.59 -19.28
CA PHE B 40 -10.73 -18.56 -19.54
C PHE B 40 -9.35 -17.91 -19.52
N GLY B 41 -9.28 -16.61 -19.82
CA GLY B 41 -8.05 -15.87 -19.60
C GLY B 41 -7.61 -15.93 -18.14
N CYS B 42 -8.55 -15.70 -17.22
CA CYS B 42 -8.24 -15.82 -15.80
C CYS B 42 -7.76 -17.23 -15.46
N LEU B 43 -8.43 -18.24 -16.00
CA LEU B 43 -8.06 -19.62 -15.70
C LEU B 43 -6.66 -19.93 -16.20
N ASP B 44 -6.33 -19.50 -17.41
CA ASP B 44 -4.96 -19.65 -17.91
C ASP B 44 -3.96 -18.91 -17.02
N SER B 45 -4.33 -17.71 -16.57
CA SER B 45 -3.45 -16.94 -15.70
C SER B 45 -3.16 -17.70 -14.40
N VAL B 46 -4.21 -18.22 -13.76
CA VAL B 46 -4.03 -18.96 -12.52
C VAL B 46 -3.14 -20.18 -12.75
N MET B 47 -3.34 -20.88 -13.87
CA MET B 47 -2.50 -22.03 -14.17
C MET B 47 -1.04 -21.63 -14.35
N GLU B 48 -0.79 -20.53 -15.05
CA GLU B 48 0.59 -20.09 -15.28
C GLU B 48 1.25 -19.62 -14.00
N ASN B 49 0.53 -18.86 -13.18
CA ASN B 49 1.10 -18.40 -11.91
C ASN B 49 1.35 -19.55 -10.94
N SER B 50 0.58 -20.63 -11.06
CA SER B 50 0.86 -21.83 -10.26
C SER B 50 2.26 -22.37 -10.54
N LYS B 51 2.59 -22.50 -11.82
CA LYS B 51 3.94 -22.93 -12.21
C LYS B 51 5.00 -21.99 -11.66
N VAL B 52 4.77 -20.68 -11.80
CA VAL B 52 5.74 -19.69 -11.31
C VAL B 52 5.86 -19.77 -9.80
N LEU B 53 4.72 -19.81 -9.10
CA LEU B 53 4.73 -19.87 -7.64
C LEU B 53 5.44 -21.13 -7.14
N GLY B 54 5.15 -22.27 -7.74
CA GLY B 54 5.83 -23.51 -7.36
C GLY B 54 7.34 -23.40 -7.45
N GLU B 55 7.83 -22.84 -8.56
CA GLU B 55 9.26 -22.63 -8.71
C GLU B 55 9.80 -21.67 -7.66
N ALA B 56 9.08 -20.58 -7.41
CA ALA B 56 9.53 -19.60 -6.42
C ALA B 56 9.61 -20.20 -5.03
N MET B 57 8.59 -20.98 -4.65
CA MET B 57 8.60 -21.60 -3.32
C MET B 57 9.76 -22.57 -3.17
N THR B 58 10.15 -23.25 -4.24
CA THR B 58 11.35 -24.09 -4.18
C THR B 58 12.60 -23.25 -3.96
N GLY B 59 12.68 -22.09 -4.63
CA GLY B 59 13.82 -21.20 -4.43
C GLY B 59 13.83 -20.59 -3.04
N ILE B 60 12.65 -20.29 -2.49
CA ILE B 60 12.56 -19.72 -1.15
C ILE B 60 13.21 -20.66 -0.13
N SER B 61 12.86 -21.94 -0.19
CA SER B 61 13.43 -22.92 0.75
C SER B 61 14.90 -23.16 0.47
N GLN B 62 15.24 -23.45 -0.78
CA GLN B 62 16.62 -23.77 -1.14
C GLN B 62 17.59 -22.66 -0.72
N ASN B 63 17.24 -21.41 -0.98
CA ASN B 63 18.18 -20.32 -0.74
C ASN B 63 18.18 -19.87 0.72
N ALA B 64 17.07 -20.02 1.43
CA ALA B 64 17.10 -19.82 2.88
C ALA B 64 18.02 -20.83 3.55
N LYS B 65 17.96 -22.09 3.10
CA LYS B 65 18.83 -23.12 3.66
C LYS B 65 20.30 -22.80 3.39
N ASN B 66 20.68 -22.67 2.10
CA ASN B 66 22.08 -22.49 1.74
CA ASN B 66 22.07 -22.49 1.71
C ASN B 66 22.62 -21.11 2.04
N GLY B 67 21.79 -20.19 2.55
CA GLY B 67 22.27 -18.87 2.89
C GLY B 67 22.59 -17.97 1.72
N ASN B 68 21.98 -18.22 0.56
CA ASN B 68 22.13 -17.33 -0.59
C ASN B 68 21.05 -16.27 -0.52
N LEU B 69 21.32 -15.25 0.30
CA LEU B 69 20.30 -14.24 0.59
C LEU B 69 19.87 -13.42 -0.63
N PRO B 70 20.74 -13.03 -1.57
CA PRO B 70 20.23 -12.36 -2.78
C PRO B 70 19.23 -13.20 -3.56
N GLU B 71 19.54 -14.48 -3.80
CA GLU B 71 18.61 -15.34 -4.52
C GLU B 71 17.35 -15.59 -3.70
N PHE B 72 17.46 -15.61 -2.37
CA PHE B 72 16.28 -15.74 -1.52
C PHE B 72 15.32 -14.58 -1.74
N GLY B 73 15.82 -13.34 -1.64
CA GLY B 73 14.97 -12.18 -1.84
C GLY B 73 14.29 -12.18 -3.19
N ASP B 74 14.98 -12.63 -4.23
CA ASP B 74 14.38 -12.69 -5.56
C ASP B 74 13.26 -13.73 -5.61
N ALA B 75 13.48 -14.91 -5.02
CA ALA B 75 12.43 -15.91 -4.96
C ALA B 75 11.21 -15.40 -4.21
N ILE B 76 11.44 -14.62 -3.15
CA ILE B 76 10.32 -14.02 -2.40
C ILE B 76 9.55 -13.05 -3.28
N ALA B 77 10.26 -12.18 -4.00
CA ALA B 77 9.61 -11.21 -4.87
C ALA B 77 8.84 -11.91 -5.98
N THR B 78 9.44 -12.94 -6.58
CA THR B 78 8.74 -13.71 -7.61
C THR B 78 7.45 -14.32 -7.05
N ALA B 79 7.53 -14.93 -5.86
CA ALA B 79 6.34 -15.50 -5.23
C ALA B 79 5.28 -14.43 -5.01
N SER B 80 5.69 -13.26 -4.50
CA SER B 80 4.74 -12.18 -4.25
C SER B 80 4.04 -11.73 -5.54
N LYS B 81 4.78 -11.64 -6.64
CA LYS B 81 4.17 -11.25 -7.90
C LYS B 81 3.19 -12.30 -8.40
N ALA B 82 3.59 -13.58 -8.32
CA ALA B 82 2.68 -14.66 -8.70
C ALA B 82 1.40 -14.63 -7.87
N LEU B 83 1.54 -14.47 -6.55
CA LEU B 83 0.37 -14.40 -5.68
C LEU B 83 -0.54 -13.24 -6.06
N CYS B 84 0.05 -12.08 -6.39
CA CYS B 84 -0.77 -10.97 -6.85
C CYS B 84 -1.43 -11.29 -8.18
N GLY B 85 -0.72 -11.97 -9.07
CA GLY B 85 -1.34 -12.44 -10.31
C GLY B 85 -2.51 -13.37 -10.04
N PHE B 86 -2.30 -14.36 -9.17
CA PHE B 86 -3.39 -15.22 -8.71
C PHE B 86 -4.60 -14.40 -8.27
N THR B 87 -4.37 -13.41 -7.41
CA THR B 87 -5.49 -12.67 -6.81
C THR B 87 -6.24 -11.84 -7.84
N GLU B 88 -5.50 -11.18 -8.74
CA GLU B 88 -6.15 -10.41 -9.80
C GLU B 88 -7.02 -11.30 -10.68
N ALA B 89 -6.50 -12.46 -11.07
CA ALA B 89 -7.29 -13.39 -11.87
C ALA B 89 -8.52 -13.89 -11.11
N ALA B 90 -8.33 -14.24 -9.83
CA ALA B 90 -9.46 -14.71 -9.03
C ALA B 90 -10.51 -13.63 -8.86
N ALA B 91 -10.08 -12.40 -8.54
CA ALA B 91 -11.04 -11.32 -8.36
C ALA B 91 -11.77 -11.01 -9.66
N GLN B 92 -11.05 -11.04 -10.79
CA GLN B 92 -11.69 -10.84 -12.08
C GLN B 92 -12.68 -11.97 -12.38
N ALA B 93 -12.25 -13.22 -12.21
CA ALA B 93 -13.14 -14.35 -12.43
C ALA B 93 -14.36 -14.29 -11.51
N ALA B 94 -14.14 -13.94 -10.24
CA ALA B 94 -15.25 -13.83 -9.30
C ALA B 94 -16.25 -12.77 -9.74
N TYR B 95 -15.74 -11.62 -10.21
CA TYR B 95 -16.63 -10.59 -10.76
C TYR B 95 -17.44 -11.13 -11.93
N LEU B 96 -16.76 -11.75 -12.90
CA LEU B 96 -17.46 -12.29 -14.06
C LEU B 96 -18.56 -13.27 -13.66
N VAL B 97 -18.28 -14.13 -12.68
CA VAL B 97 -19.27 -15.09 -12.21
C VAL B 97 -20.46 -14.35 -11.59
N GLY B 98 -20.18 -13.36 -10.74
CA GLY B 98 -21.26 -12.63 -10.08
C GLY B 98 -22.19 -11.92 -11.04
N VAL B 99 -21.62 -11.18 -12.00
CA VAL B 99 -22.46 -10.45 -12.94
C VAL B 99 -23.08 -11.36 -14.00
N SER B 100 -22.53 -12.57 -14.20
CA SER B 100 -23.14 -13.52 -15.13
C SER B 100 -24.56 -13.89 -14.70
N ASP B 101 -24.84 -13.85 -13.40
CA ASP B 101 -26.16 -14.21 -12.90
C ASP B 101 -27.25 -13.38 -13.57
N PRO B 102 -28.36 -13.99 -13.96
CA PRO B 102 -29.43 -13.23 -14.63
C PRO B 102 -29.99 -12.09 -13.80
N ASN B 103 -30.00 -12.21 -12.48
CA ASN B 103 -30.54 -11.18 -11.60
C ASN B 103 -29.50 -10.15 -11.19
N SER B 104 -28.30 -10.21 -11.78
CA SER B 104 -27.29 -9.20 -11.52
C SER B 104 -27.36 -8.10 -12.58
N GLN B 105 -26.86 -6.93 -12.22
CA GLN B 105 -26.76 -5.80 -13.13
C GLN B 105 -25.31 -5.41 -13.30
N ALA B 106 -24.86 -5.31 -14.54
CA ALA B 106 -23.48 -4.97 -14.80
C ALA B 106 -23.21 -3.50 -14.48
N GLY B 107 -21.95 -3.22 -14.19
CA GLY B 107 -21.51 -1.86 -13.97
C GLY B 107 -21.19 -1.15 -15.26
N GLN B 108 -20.90 0.14 -15.13
CA GLN B 108 -20.45 0.96 -16.25
C GLN B 108 -19.19 1.67 -15.82
N GLN B 109 -18.08 1.39 -16.49
CA GLN B 109 -16.85 2.10 -16.18
C GLN B 109 -16.96 3.55 -16.64
N GLY B 110 -16.30 4.44 -15.91
CA GLY B 110 -16.40 5.85 -16.20
C GLY B 110 -15.57 6.28 -17.39
N LEU B 111 -15.89 7.48 -17.89
CA LEU B 111 -15.11 8.05 -18.97
C LEU B 111 -13.68 8.36 -18.54
N VAL B 112 -13.50 8.76 -17.30
CA VAL B 112 -12.21 9.21 -16.79
C VAL B 112 -11.99 8.63 -15.41
N GLU B 113 -10.77 8.19 -15.13
CA GLU B 113 -10.44 7.76 -13.78
C GLU B 113 -10.40 8.95 -12.84
N PRO B 114 -11.24 9.00 -11.81
CA PRO B 114 -11.40 10.23 -11.04
C PRO B 114 -10.10 10.71 -10.39
N THR B 115 -9.31 9.78 -9.86
CA THR B 115 -8.20 10.16 -9.00
C THR B 115 -6.98 10.63 -9.79
N GLN B 116 -6.68 10.00 -10.93
CA GLN B 116 -5.54 10.44 -11.73
C GLN B 116 -5.76 11.84 -12.28
N PHE B 117 -7.02 12.30 -12.35
CA PHE B 117 -7.26 13.70 -12.69
C PHE B 117 -6.87 14.63 -11.55
N ALA B 118 -7.20 14.26 -10.31
CA ALA B 118 -6.82 15.08 -9.17
C ALA B 118 -5.32 15.02 -8.91
N ARG B 119 -4.69 13.86 -9.14
CA ARG B 119 -3.24 13.76 -8.98
C ARG B 119 -2.52 14.64 -10.01
N ALA B 120 -2.94 14.56 -11.27
CA ALA B 120 -2.36 15.44 -12.28
C ALA B 120 -2.59 16.90 -11.91
N ASN B 121 -3.82 17.24 -11.50
CA ASN B 121 -4.12 18.59 -11.03
C ASN B 121 -3.18 18.99 -9.88
N GLN B 122 -3.00 18.10 -8.92
CA GLN B 122 -2.12 18.39 -7.79
C GLN B 122 -0.67 18.55 -8.25
N ALA B 123 -0.20 17.66 -9.12
CA ALA B 123 1.16 17.75 -9.61
C ALA B 123 1.40 19.07 -10.35
N ILE B 124 0.44 19.49 -11.16
CA ILE B 124 0.58 20.75 -11.90
C ILE B 124 0.52 21.93 -10.94
N GLN B 125 -0.33 21.86 -9.91
CA GLN B 125 -0.40 22.92 -8.92
C GLN B 125 0.94 23.12 -8.22
N MET B 126 1.61 22.02 -7.87
CA MET B 126 2.87 22.14 -7.15
C MET B 126 4.00 22.55 -8.08
N ALA B 127 3.99 22.06 -9.32
CA ALA B 127 4.94 22.56 -10.31
C ALA B 127 4.77 24.05 -10.52
N CYS B 128 3.53 24.51 -10.72
CA CYS B 128 3.28 25.93 -10.90
C CYS B 128 3.64 26.72 -9.64
N GLN B 129 3.43 26.11 -8.47
CA GLN B 129 3.84 26.76 -7.22
C GLN B 129 5.34 27.02 -7.21
N SER B 130 6.13 26.02 -7.64
CA SER B 130 7.57 26.22 -7.74
C SER B 130 7.91 27.35 -8.71
N LEU B 131 7.26 27.37 -9.87
CA LEU B 131 7.50 28.41 -10.86
C LEU B 131 7.08 29.80 -10.34
N GLY B 132 6.17 29.86 -9.38
CA GLY B 132 5.76 31.11 -8.77
C GLY B 132 6.63 31.58 -7.62
N GLU B 133 7.55 30.76 -7.15
CA GLU B 133 8.37 31.13 -6.01
C GLU B 133 9.38 32.19 -6.43
N PRO B 134 9.53 33.28 -5.66
CA PRO B 134 10.54 34.30 -6.01
C PRO B 134 11.95 33.76 -6.05
N GLY B 135 12.27 32.76 -5.23
CA GLY B 135 13.57 32.14 -5.19
C GLY B 135 13.80 31.03 -6.19
N CYS B 136 12.83 30.79 -7.09
CA CYS B 136 12.92 29.68 -8.02
C CYS B 136 14.19 29.75 -8.85
N THR B 137 14.95 28.66 -8.84
CA THR B 137 16.18 28.59 -9.60
C THR B 137 15.92 28.06 -11.01
N GLN B 138 16.95 28.15 -11.86
CA GLN B 138 16.82 27.70 -13.24
C GLN B 138 16.59 26.19 -13.30
N ALA B 139 17.31 25.43 -12.47
CA ALA B 139 17.08 23.98 -12.41
C ALA B 139 15.66 23.68 -11.94
N GLN B 140 15.12 24.49 -11.02
CA GLN B 140 13.76 24.27 -10.56
C GLN B 140 12.74 24.58 -11.65
N VAL B 141 13.02 25.56 -12.51
CA VAL B 141 12.16 25.80 -13.66
C VAL B 141 12.12 24.58 -14.55
N LEU B 142 13.27 23.96 -14.79
CA LEU B 142 13.34 22.78 -15.64
C LEU B 142 12.60 21.60 -15.02
N SER B 143 12.86 21.32 -13.74
CA SER B 143 12.19 20.22 -13.07
C SER B 143 10.67 20.43 -13.02
N ALA B 144 10.24 21.65 -12.71
CA ALA B 144 8.81 21.96 -12.74
C ALA B 144 8.25 21.81 -14.15
N ALA B 145 9.03 22.17 -15.17
CA ALA B 145 8.57 22.04 -16.55
C ALA B 145 8.31 20.59 -16.92
N THR B 146 9.17 19.67 -16.45
CA THR B 146 8.97 18.26 -16.77
C THR B 146 7.69 17.74 -16.13
N ILE B 147 7.41 18.17 -14.90
CA ILE B 147 6.15 17.79 -14.24
C ILE B 147 4.96 18.33 -15.02
N VAL B 148 5.01 19.60 -15.40
CA VAL B 148 3.91 20.20 -16.17
C VAL B 148 3.68 19.42 -17.45
N ALA B 149 4.74 19.16 -18.21
CA ALA B 149 4.60 18.49 -19.50
C ALA B 149 4.00 17.10 -19.35
N LYS B 150 4.50 16.32 -18.38
CA LYS B 150 4.01 14.96 -18.16
C LYS B 150 2.50 14.94 -17.93
N HIS B 151 2.03 15.73 -16.97
CA HIS B 151 0.63 15.68 -16.57
C HIS B 151 -0.30 16.42 -17.52
N THR B 152 0.16 17.49 -18.17
CA THR B 152 -0.70 18.13 -19.16
C THR B 152 -0.89 17.23 -20.38
N SER B 153 0.17 16.53 -20.79
CA SER B 153 0.03 15.54 -21.85
C SER B 153 -0.97 14.46 -21.48
N ALA B 154 -0.89 13.95 -20.24
CA ALA B 154 -1.84 12.94 -19.78
C ALA B 154 -3.27 13.47 -19.77
N LEU B 155 -3.46 14.69 -19.23
CA LEU B 155 -4.79 15.27 -19.18
C LEU B 155 -5.39 15.42 -20.57
N CYS B 156 -4.59 15.86 -21.54
CA CYS B 156 -5.10 16.05 -22.89
C CYS B 156 -5.42 14.72 -23.55
N ASN B 157 -4.65 13.67 -23.25
CA ASN B 157 -4.97 12.35 -23.74
C ASN B 157 -6.29 11.84 -23.14
N SER B 158 -6.45 12.00 -21.82
CA SER B 158 -7.68 11.58 -21.17
C SER B 158 -8.88 12.34 -21.71
N CYS B 159 -8.70 13.62 -22.08
CA CYS B 159 -9.77 14.38 -22.70
C CYS B 159 -10.13 13.80 -24.06
N ARG B 160 -9.12 13.49 -24.87
CA ARG B 160 -9.34 12.92 -26.19
C ARG B 160 -10.12 11.61 -26.09
N LEU B 161 -9.71 10.73 -25.19
CA LEU B 161 -10.36 9.43 -25.05
C LEU B 161 -11.78 9.58 -24.51
N ALA B 162 -11.96 10.39 -23.46
CA ALA B 162 -13.28 10.59 -22.89
C ALA B 162 -14.24 11.17 -23.92
N SER B 163 -13.75 12.08 -24.77
CA SER B 163 -14.58 12.65 -25.81
C SER B 163 -15.01 11.58 -26.81
N ALA B 164 -14.11 10.67 -27.15
CA ALA B 164 -14.42 9.63 -28.13
C ALA B 164 -15.41 8.61 -27.57
N ARG B 165 -15.39 8.35 -26.27
CA ARG B 165 -16.25 7.32 -25.70
C ARG B 165 -17.65 7.82 -25.37
N THR B 166 -17.78 9.09 -24.96
CA THR B 166 -19.08 9.56 -24.52
C THR B 166 -20.03 9.73 -25.69
N ALA B 167 -21.30 9.41 -25.45
CA ALA B 167 -22.37 9.71 -26.38
C ALA B 167 -23.04 11.05 -26.10
N ASN B 168 -22.71 11.68 -24.98
CA ASN B 168 -23.25 12.97 -24.60
C ASN B 168 -22.63 14.07 -25.47
N PRO B 169 -23.40 14.74 -26.31
CA PRO B 169 -22.79 15.74 -27.21
C PRO B 169 -22.16 16.91 -26.47
N THR B 170 -22.81 17.39 -25.40
CA THR B 170 -22.24 18.49 -24.62
C THR B 170 -20.89 18.09 -24.03
N ALA B 171 -20.81 16.90 -23.42
CA ALA B 171 -19.56 16.43 -22.85
C ALA B 171 -18.48 16.28 -23.92
N LYS B 172 -18.87 15.75 -25.09
CA LYS B 172 -17.91 15.58 -26.18
C LYS B 172 -17.24 16.91 -26.53
N ARG B 173 -18.02 17.98 -26.62
CA ARG B 173 -17.45 19.28 -26.96
C ARG B 173 -16.62 19.84 -25.81
N GLN B 174 -17.09 19.66 -24.57
CA GLN B 174 -16.38 20.22 -23.42
C GLN B 174 -15.01 19.57 -23.24
N PHE B 175 -14.94 18.24 -23.36
CA PHE B 175 -13.65 17.57 -23.25
C PHE B 175 -12.68 18.03 -24.33
N VAL B 176 -13.19 18.26 -25.54
CA VAL B 176 -12.33 18.78 -26.60
C VAL B 176 -11.91 20.21 -26.29
N GLN B 177 -12.84 21.03 -25.80
CA GLN B 177 -12.53 22.42 -25.47
C GLN B 177 -11.51 22.50 -24.33
N SER B 178 -11.70 21.69 -23.29
CA SER B 178 -10.76 21.69 -22.17
C SER B 178 -9.37 21.24 -22.63
N ALA B 179 -9.31 20.25 -23.52
CA ALA B 179 -8.03 19.82 -24.06
C ALA B 179 -7.30 20.97 -24.75
N LYS B 180 -8.03 21.81 -25.49
CA LYS B 180 -7.42 22.95 -26.14
C LYS B 180 -6.96 23.99 -25.13
N GLU B 181 -7.81 24.30 -24.14
CA GLU B 181 -7.45 25.27 -23.11
C GLU B 181 -6.19 24.83 -22.37
N VAL B 182 -6.09 23.55 -22.02
CA VAL B 182 -4.89 23.06 -21.34
C VAL B 182 -3.68 23.13 -22.27
N ALA B 183 -3.86 22.68 -23.52
CA ALA B 183 -2.77 22.72 -24.48
C ALA B 183 -2.29 24.15 -24.73
N ASN B 184 -3.24 25.08 -24.93
CA ASN B 184 -2.88 26.46 -25.19
C ASN B 184 -2.16 27.08 -23.99
N SER B 185 -2.73 26.93 -22.80
CA SER B 185 -2.11 27.49 -21.60
C SER B 185 -0.73 26.89 -21.36
N THR B 186 -0.60 25.59 -21.59
CA THR B 186 0.70 24.94 -21.43
C THR B 186 1.72 25.46 -22.42
N ALA B 187 1.32 25.57 -23.69
CA ALA B 187 2.22 26.11 -24.72
C ALA B 187 2.64 27.54 -24.38
N ASN B 188 1.70 28.34 -23.88
CA ASN B 188 2.04 29.70 -23.46
C ASN B 188 3.07 29.70 -22.34
N LEU B 189 2.91 28.81 -21.37
CA LEU B 189 3.88 28.71 -20.27
C LEU B 189 5.24 28.22 -20.79
N VAL B 190 5.22 27.25 -21.71
CA VAL B 190 6.48 26.76 -22.30
C VAL B 190 7.19 27.88 -23.05
N LYS B 191 6.43 28.79 -23.67
CA LYS B 191 7.04 29.94 -24.32
C LYS B 191 7.80 30.80 -23.33
N THR B 192 7.20 31.10 -22.17
CA THR B 192 7.88 31.90 -21.17
C THR B 192 9.09 31.16 -20.59
N ILE B 193 9.00 29.83 -20.48
CA ILE B 193 10.14 29.06 -19.98
C ILE B 193 11.28 29.08 -20.99
N LYS B 194 10.95 29.02 -22.28
CA LYS B 194 11.99 29.09 -23.31
C LYS B 194 12.69 30.43 -23.31
N ALA B 195 11.93 31.52 -23.23
CA ALA B 195 12.54 32.84 -23.12
C ALA B 195 13.40 32.94 -21.87
N LEU B 196 12.90 32.40 -20.76
CA LEU B 196 13.64 32.39 -19.50
C LEU B 196 14.99 31.68 -19.67
N ASP B 197 15.00 30.56 -20.41
CA ASP B 197 16.24 29.81 -20.62
C ASP B 197 17.28 30.64 -21.36
N GLY B 198 16.87 31.36 -22.41
CA GLY B 198 17.81 32.16 -23.16
C GLY B 198 18.25 33.42 -22.43
N ASP B 199 17.39 33.95 -21.56
CA ASP B 199 17.68 35.21 -20.89
C ASP B 199 16.92 35.20 -19.56
N PHE B 200 17.64 34.89 -18.49
CA PHE B 200 17.04 34.69 -17.17
C PHE B 200 16.80 36.01 -16.46
N THR B 201 16.11 36.94 -17.11
CA THR B 201 15.90 38.27 -16.57
C THR B 201 14.75 38.27 -15.55
N GLU B 202 14.64 39.39 -14.83
CA GLU B 202 13.53 39.57 -13.91
C GLU B 202 12.20 39.68 -14.64
N GLU B 203 12.21 40.24 -15.85
CA GLU B 203 11.00 40.29 -16.65
C GLU B 203 10.56 38.88 -17.04
N ASN B 204 11.49 38.09 -17.59
CA ASN B 204 11.16 36.72 -17.97
C ASN B 204 10.76 35.88 -16.76
N ARG B 205 11.33 36.18 -15.59
CA ARG B 205 10.91 35.47 -14.38
C ARG B 205 9.47 35.79 -14.02
N ALA B 206 9.11 37.08 -14.03
CA ALA B 206 7.75 37.46 -13.70
C ALA B 206 6.77 36.99 -14.77
N GLN B 207 7.21 36.99 -16.04
CA GLN B 207 6.36 36.53 -17.14
C GLN B 207 6.01 35.06 -16.97
N CYS B 208 7.02 34.23 -16.67
CA CYS B 208 6.78 32.81 -16.43
C CYS B 208 5.83 32.61 -15.26
N ARG B 209 6.06 33.34 -14.17
CA ARG B 209 5.16 33.29 -13.01
C ARG B 209 3.73 33.63 -13.41
N ALA B 210 3.55 34.69 -14.19
CA ALA B 210 2.21 35.08 -14.62
C ALA B 210 1.56 34.01 -15.50
N ALA B 211 2.35 33.32 -16.32
CA ALA B 211 1.80 32.32 -17.23
C ALA B 211 1.25 31.08 -16.52
N THR B 212 1.56 30.88 -15.24
CA THR B 212 1.00 29.75 -14.53
C THR B 212 -0.50 29.90 -14.30
N ALA B 213 -0.98 31.14 -14.16
CA ALA B 213 -2.39 31.35 -13.83
C ALA B 213 -3.34 30.79 -14.88
N PRO B 214 -3.20 31.09 -16.18
CA PRO B 214 -4.11 30.46 -17.17
C PRO B 214 -4.04 28.94 -17.15
N LEU B 215 -2.87 28.36 -16.88
CA LEU B 215 -2.75 26.91 -16.83
C LEU B 215 -3.50 26.32 -15.65
N LEU B 216 -3.33 26.92 -14.46
CA LEU B 216 -4.05 26.48 -13.27
C LEU B 216 -5.56 26.54 -13.50
N GLU B 217 -6.03 27.64 -14.10
CA GLU B 217 -7.46 27.79 -14.36
C GLU B 217 -7.98 26.70 -15.29
N ALA B 218 -7.24 26.41 -16.37
CA ALA B 218 -7.65 25.38 -17.31
C ALA B 218 -7.71 24.02 -16.63
N VAL B 219 -6.64 23.66 -15.90
CA VAL B 219 -6.61 22.36 -15.23
C VAL B 219 -7.67 22.29 -14.14
N ASP B 220 -7.98 23.41 -13.48
CA ASP B 220 -9.00 23.40 -12.45
C ASP B 220 -10.40 23.24 -13.05
N ASN B 221 -10.68 23.97 -14.13
CA ASN B 221 -11.96 23.82 -14.80
C ASN B 221 -12.13 22.40 -15.34
N LEU B 222 -11.05 21.82 -15.85
CA LEU B 222 -11.12 20.44 -16.37
C LEU B 222 -11.37 19.45 -15.23
N SER B 223 -10.62 19.58 -14.13
CA SER B 223 -10.84 18.68 -13.00
C SER B 223 -12.25 18.81 -12.46
N ALA B 224 -12.75 20.04 -12.33
CA ALA B 224 -14.12 20.26 -11.90
C ALA B 224 -15.11 19.54 -12.81
N PHE B 225 -15.01 19.77 -14.12
CA PHE B 225 -15.94 19.17 -15.06
C PHE B 225 -15.83 17.65 -15.06
N ALA B 226 -14.60 17.12 -15.07
CA ALA B 226 -14.41 15.68 -15.18
C ALA B 226 -14.83 14.94 -13.92
N SER B 227 -14.98 15.65 -12.79
CA SER B 227 -15.39 15.01 -11.54
C SER B 227 -16.90 14.84 -11.43
N ASN B 228 -17.67 15.40 -12.35
CA ASN B 228 -19.11 15.18 -12.37
C ASN B 228 -19.43 13.69 -12.30
N PRO B 229 -20.40 13.28 -11.49
CA PRO B 229 -20.68 11.84 -11.32
C PRO B 229 -21.11 11.16 -12.61
N GLU B 230 -21.77 11.88 -13.52
CA GLU B 230 -22.14 11.33 -14.81
C GLU B 230 -20.99 10.58 -15.47
N PHE B 231 -19.76 11.03 -15.27
CA PHE B 231 -18.59 10.47 -15.91
C PHE B 231 -17.85 9.46 -15.05
N SER B 232 -18.33 9.18 -13.84
CA SER B 232 -17.66 8.24 -12.96
C SER B 232 -18.20 6.83 -13.13
N SER B 233 -17.42 5.85 -12.69
CA SER B 233 -17.81 4.45 -12.78
C SER B 233 -19.06 4.18 -11.96
N VAL B 234 -19.84 3.21 -12.41
CA VAL B 234 -21.03 2.71 -11.72
C VAL B 234 -20.74 1.27 -11.29
N PRO B 235 -20.83 0.96 -10.00
CA PRO B 235 -20.57 -0.42 -9.57
C PRO B 235 -21.68 -1.37 -9.98
N ALA B 236 -21.30 -2.62 -10.23
CA ALA B 236 -22.27 -3.66 -10.53
C ALA B 236 -23.11 -3.98 -9.30
N GLN B 237 -24.37 -4.34 -9.55
CA GLN B 237 -25.29 -4.79 -8.50
C GLN B 237 -25.43 -6.31 -8.63
N ILE B 238 -24.64 -7.04 -7.85
CA ILE B 238 -24.59 -8.50 -7.93
C ILE B 238 -25.67 -9.08 -7.03
N SER B 239 -26.48 -9.97 -7.57
CA SER B 239 -27.58 -10.58 -6.84
C SER B 239 -27.06 -11.54 -5.77
N PRO B 240 -27.89 -11.89 -4.79
CA PRO B 240 -27.47 -12.90 -3.80
C PRO B 240 -27.01 -14.21 -4.45
N GLU B 241 -27.67 -14.64 -5.52
CA GLU B 241 -27.23 -15.85 -6.22
C GLU B 241 -25.84 -15.67 -6.80
N GLY B 242 -25.57 -14.49 -7.38
CA GLY B 242 -24.22 -14.20 -7.86
C GLY B 242 -23.19 -14.24 -6.76
N ARG B 243 -23.53 -13.70 -5.58
CA ARG B 243 -22.59 -13.71 -4.46
C ARG B 243 -22.28 -15.14 -4.02
N ALA B 244 -23.30 -15.98 -3.90
CA ALA B 244 -23.09 -17.39 -3.57
C ALA B 244 -22.23 -18.09 -4.61
N ALA B 245 -22.51 -17.86 -5.89
CA ALA B 245 -21.76 -18.52 -6.96
C ALA B 245 -20.28 -18.16 -6.92
N MET B 246 -19.95 -16.89 -6.67
CA MET B 246 -18.57 -16.44 -6.70
C MET B 246 -17.81 -16.71 -5.42
N GLU B 247 -18.51 -17.01 -4.32
CA GLU B 247 -17.84 -17.17 -3.03
C GLU B 247 -16.77 -18.27 -3.02
N PRO B 248 -16.97 -19.46 -3.61
CA PRO B 248 -15.89 -20.46 -3.60
C PRO B 248 -14.58 -19.95 -4.19
N ILE B 249 -14.64 -19.17 -5.28
CA ILE B 249 -13.43 -18.58 -5.83
C ILE B 249 -12.82 -17.60 -4.84
N VAL B 250 -13.66 -16.77 -4.22
CA VAL B 250 -13.17 -15.72 -3.33
C VAL B 250 -12.46 -16.31 -2.12
N ILE B 251 -13.13 -17.25 -1.44
CA ILE B 251 -12.58 -17.79 -0.19
C ILE B 251 -11.29 -18.57 -0.47
N SER B 252 -11.23 -19.27 -1.61
CA SER B 252 -10.00 -19.99 -1.97
C SER B 252 -8.83 -19.03 -2.14
N ALA B 253 -9.06 -17.91 -2.81
CA ALA B 253 -7.99 -16.92 -3.00
C ALA B 253 -7.62 -16.25 -1.68
N LYS B 254 -8.61 -15.94 -0.85
CA LYS B 254 -8.34 -15.39 0.46
C LYS B 254 -7.50 -16.34 1.30
N THR B 255 -7.80 -17.65 1.21
CA THR B 255 -7.06 -18.65 1.96
C THR B 255 -5.63 -18.78 1.42
N MET B 256 -5.47 -18.65 0.10
CA MET B 256 -4.14 -18.66 -0.50
C MET B 256 -3.28 -17.52 0.05
N LEU B 257 -3.83 -16.30 0.08
CA LEU B 257 -3.08 -15.15 0.56
C LEU B 257 -2.71 -15.29 2.03
N GLU B 258 -3.65 -15.76 2.85
CA GLU B 258 -3.39 -15.93 4.27
C GLU B 258 -2.25 -16.92 4.51
N SER B 259 -2.35 -18.11 3.93
CA SER B 259 -1.32 -19.12 4.14
C SER B 259 0.02 -18.68 3.56
N ALA B 260 0.00 -17.98 2.41
CA ALA B 260 1.23 -17.46 1.85
C ALA B 260 1.89 -16.46 2.80
N GLY B 261 1.09 -15.67 3.51
CA GLY B 261 1.65 -14.78 4.52
C GLY B 261 2.41 -15.54 5.59
N GLY B 262 1.82 -16.63 6.09
CA GLY B 262 2.54 -17.46 7.05
C GLY B 262 3.83 -18.02 6.49
N LEU B 263 3.79 -18.49 5.23
CA LEU B 263 4.99 -19.05 4.61
C LEU B 263 6.12 -18.02 4.53
N ILE B 264 5.79 -16.79 4.12
CA ILE B 264 6.81 -15.76 3.97
C ILE B 264 7.34 -15.33 5.33
N GLN B 265 6.45 -15.20 6.32
CA GLN B 265 6.90 -14.88 7.67
C GLN B 265 7.82 -15.96 8.22
N THR B 266 7.48 -17.24 8.01
CA THR B 266 8.35 -18.32 8.47
C THR B 266 9.67 -18.32 7.71
N ALA B 267 9.62 -18.14 6.39
CA ALA B 267 10.85 -18.07 5.60
C ALA B 267 11.71 -16.88 6.00
N ARG B 268 11.07 -15.75 6.35
CA ARG B 268 11.81 -14.60 6.87
C ARG B 268 12.69 -15.00 8.05
N ALA B 269 12.13 -15.76 8.99
CA ALA B 269 12.90 -16.22 10.15
C ALA B 269 13.95 -17.24 9.73
N LEU B 270 13.62 -18.13 8.79
CA LEU B 270 14.57 -19.15 8.37
C LEU B 270 15.75 -18.54 7.61
N ALA B 271 15.52 -17.45 6.87
CA ALA B 271 16.62 -16.78 6.18
C ALA B 271 17.67 -16.30 7.18
N VAL B 272 17.22 -15.86 8.36
CA VAL B 272 18.15 -15.39 9.39
C VAL B 272 18.91 -16.57 9.99
N ASN B 273 18.19 -17.60 10.42
CA ASN B 273 18.81 -18.80 10.99
C ASN B 273 18.10 -20.02 10.41
N PRO B 274 18.68 -20.65 9.38
CA PRO B 274 18.02 -21.82 8.78
C PRO B 274 18.12 -23.08 9.62
N ARG B 275 19.02 -23.14 10.60
CA ARG B 275 19.15 -24.31 11.48
C ARG B 275 18.02 -24.27 12.51
N ASP B 276 16.84 -24.70 12.06
CA ASP B 276 15.63 -24.61 12.86
C ASP B 276 14.62 -25.64 12.39
N PRO B 277 14.77 -26.90 12.78
CA PRO B 277 13.85 -27.95 12.31
C PRO B 277 12.39 -27.66 12.60
N PRO B 278 12.03 -27.12 13.78
CA PRO B 278 10.62 -26.74 13.98
C PRO B 278 10.05 -25.80 12.93
N ARG B 279 10.77 -24.73 12.59
CA ARG B 279 10.26 -23.78 11.61
C ARG B 279 10.21 -24.36 10.21
N TRP B 280 11.12 -25.28 9.88
CA TRP B 280 11.02 -25.98 8.60
C TRP B 280 9.75 -26.80 8.51
N SER B 281 9.30 -27.38 9.63
CA SER B 281 8.02 -28.08 9.65
C SER B 281 6.86 -27.11 9.48
N VAL B 282 6.92 -25.97 10.17
CA VAL B 282 5.89 -24.95 10.02
C VAL B 282 5.82 -24.49 8.57
N LEU B 283 6.98 -24.29 7.93
CA LEU B 283 7.00 -23.90 6.53
C LEU B 283 6.33 -24.95 5.66
N ALA B 284 6.63 -26.23 5.90
CA ALA B 284 5.99 -27.30 5.14
C ALA B 284 4.47 -27.27 5.32
N GLY B 285 4.01 -26.99 6.54
CA GLY B 285 2.58 -26.86 6.76
C GLY B 285 1.97 -25.75 5.94
N HIS B 286 2.58 -24.56 5.98
CA HIS B 286 2.09 -23.44 5.18
C HIS B 286 2.16 -23.76 3.69
N SER B 287 3.25 -24.36 3.24
CA SER B 287 3.40 -24.70 1.82
C SER B 287 2.25 -25.58 1.36
N ARG B 288 1.92 -26.61 2.13
CA ARG B 288 0.83 -27.50 1.79
C ARG B 288 -0.51 -26.75 1.77
N THR B 289 -0.72 -25.86 2.74
CA THR B 289 -1.97 -25.09 2.75
C THR B 289 -2.06 -24.15 1.56
N VAL B 290 -0.94 -23.56 1.15
CA VAL B 290 -0.92 -22.75 -0.07
C VAL B 290 -1.26 -23.60 -1.27
N SER B 291 -0.61 -24.77 -1.40
CA SER B 291 -0.87 -25.67 -2.52
C SER B 291 -2.32 -26.12 -2.55
N ASP B 292 -2.85 -26.52 -1.38
CA ASP B 292 -4.25 -26.92 -1.31
C ASP B 292 -5.18 -25.77 -1.71
N SER B 293 -4.85 -24.56 -1.28
CA SER B 293 -5.65 -23.39 -1.66
C SER B 293 -5.64 -23.18 -3.17
N ILE B 294 -4.46 -23.36 -3.80
CA ILE B 294 -4.38 -23.24 -5.26
C ILE B 294 -5.28 -24.26 -5.93
N LYS B 295 -5.19 -25.52 -5.50
CA LYS B 295 -6.06 -26.56 -6.04
C LYS B 295 -7.52 -26.18 -5.90
N LYS B 296 -7.91 -25.72 -4.71
CA LYS B 296 -9.31 -25.34 -4.49
C LYS B 296 -9.72 -24.18 -5.38
N LEU B 297 -8.80 -23.25 -5.64
CA LEU B 297 -9.10 -22.13 -6.54
C LEU B 297 -9.30 -22.62 -7.97
N ILE B 298 -8.37 -23.45 -8.47
CA ILE B 298 -8.49 -24.01 -9.80
C ILE B 298 -9.76 -24.85 -9.92
N THR B 299 -10.04 -25.66 -8.89
CA THR B 299 -11.27 -26.45 -8.88
C THR B 299 -12.51 -25.56 -8.96
N SER B 300 -12.57 -24.56 -8.07
CA SER B 300 -13.70 -23.63 -8.08
C SER B 300 -13.88 -22.98 -9.45
N MET B 301 -12.79 -22.52 -10.06
CA MET B 301 -12.89 -21.85 -11.35
C MET B 301 -13.27 -22.82 -12.46
N ARG B 302 -12.74 -24.04 -12.43
CA ARG B 302 -13.12 -25.03 -13.43
C ARG B 302 -14.59 -25.42 -13.31
N ASP B 303 -15.14 -25.42 -12.09
CA ASP B 303 -16.55 -25.74 -11.89
C ASP B 303 -17.46 -24.77 -12.64
N LYS B 304 -17.10 -23.49 -12.66
CA LYS B 304 -17.90 -22.47 -13.32
C LYS B 304 -17.53 -22.28 -14.79
N ALA B 305 -16.40 -22.84 -15.23
CA ALA B 305 -15.95 -22.64 -16.61
C ALA B 305 -16.98 -23.02 -17.68
N PRO B 306 -17.73 -24.13 -17.57
CA PRO B 306 -18.71 -24.43 -18.62
C PRO B 306 -19.72 -23.32 -18.85
N GLY B 307 -20.04 -22.54 -17.83
CA GLY B 307 -20.98 -21.43 -17.97
C GLY B 307 -20.44 -20.27 -18.77
N GLN B 308 -19.17 -20.30 -19.16
CA GLN B 308 -18.58 -19.23 -19.95
C GLN B 308 -18.15 -19.71 -21.33
N LEU B 309 -18.66 -20.86 -21.77
CA LEU B 309 -18.45 -21.34 -23.13
C LEU B 309 -19.41 -20.66 -24.10
N ASP C 1 3.12 27.07 -32.84
CA ASP C 1 4.55 27.17 -33.07
C ASP C 1 5.20 25.79 -32.90
N SER C 2 6.19 25.48 -33.73
CA SER C 2 6.78 24.14 -33.74
C SER C 2 7.97 23.96 -32.80
N GLU C 3 8.78 25.00 -32.55
CA GLU C 3 9.84 24.84 -31.55
C GLU C 3 9.26 24.68 -30.14
N ILE C 4 8.06 25.22 -29.91
CA ILE C 4 7.40 25.05 -28.62
C ILE C 4 6.99 23.59 -28.42
N ASP C 5 6.39 22.99 -29.45
CA ASP C 5 6.02 21.57 -29.37
C ASP C 5 7.23 20.69 -29.14
N GLN C 6 8.35 21.01 -29.81
CA GLN C 6 9.57 20.24 -29.64
C GLN C 6 10.13 20.39 -28.23
N LEU C 7 10.19 21.62 -27.72
CA LEU C 7 10.63 21.84 -26.35
C LEU C 7 9.74 21.11 -25.36
N PHE C 8 8.41 21.17 -25.59
CA PHE C 8 7.47 20.45 -24.73
C PHE C 8 7.76 18.95 -24.71
N ARG C 9 8.00 18.37 -25.88
CA ARG C 9 8.28 16.93 -25.95
C ARG C 9 9.57 16.58 -25.23
N ILE C 10 10.56 17.48 -25.24
CA ILE C 10 11.77 17.28 -24.45
C ILE C 10 11.43 17.26 -22.96
N PHE C 11 10.62 18.22 -22.51
CA PHE C 11 10.23 18.28 -21.10
C PHE C 11 9.49 17.02 -20.68
N ARG C 12 8.54 16.56 -21.50
CA ARG C 12 7.79 15.35 -21.19
C ARG C 12 8.71 14.14 -21.12
N ALA C 13 9.65 14.04 -22.07
CA ALA C 13 10.61 12.95 -22.05
C ALA C 13 11.47 12.97 -20.80
N LEU C 14 11.87 14.16 -20.35
CA LEU C 14 12.68 14.23 -19.13
C LEU C 14 11.89 13.82 -17.89
N GLY C 15 10.57 13.93 -17.92
CA GLY C 15 9.78 13.59 -16.75
C GLY C 15 8.95 12.32 -16.83
N THR C 16 9.22 11.42 -17.77
CA THR C 16 8.38 10.22 -17.89
C THR C 16 9.19 8.93 -17.83
N PRO C 17 10.16 8.66 -18.75
CA PRO C 17 10.96 7.43 -18.58
C PRO C 17 11.55 7.18 -17.20
N ASP D 1 -2.22 -29.78 32.22
CA ASP D 1 -2.76 -28.43 32.29
C ASP D 1 -1.63 -27.40 32.12
N SER D 2 -0.47 -27.69 32.70
CA SER D 2 0.69 -26.82 32.56
C SER D 2 1.52 -27.18 31.35
N GLU D 3 1.51 -28.45 30.94
CA GLU D 3 2.14 -28.84 29.70
C GLU D 3 1.43 -28.24 28.50
N ILE D 4 0.13 -27.99 28.61
CA ILE D 4 -0.60 -27.32 27.52
C ILE D 4 -0.14 -25.87 27.39
N ASP D 5 -0.01 -25.18 28.51
CA ASP D 5 0.48 -23.80 28.48
C ASP D 5 1.88 -23.73 27.87
N GLN D 6 2.72 -24.72 28.19
CA GLN D 6 4.08 -24.75 27.64
C GLN D 6 4.03 -24.98 26.13
N LEU D 7 3.24 -25.96 25.69
CA LEU D 7 3.11 -26.23 24.27
C LEU D 7 2.55 -25.01 23.53
N PHE D 8 1.54 -24.35 24.12
CA PHE D 8 0.98 -23.15 23.53
C PHE D 8 2.04 -22.07 23.32
N ARG D 9 2.87 -21.85 24.35
CA ARG D 9 3.91 -20.83 24.24
C ARG D 9 4.93 -21.18 23.16
N ILE D 10 5.21 -22.48 22.97
CA ILE D 10 6.05 -22.91 21.86
C ILE D 10 5.39 -22.58 20.53
N PHE D 11 4.09 -22.89 20.41
CA PHE D 11 3.37 -22.60 19.17
C PHE D 11 3.37 -21.11 18.87
N ARG D 12 3.14 -20.26 19.87
CA ARG D 12 3.14 -18.83 19.66
C ARG D 12 4.50 -18.31 19.22
N ALA D 13 5.58 -18.83 19.83
CA ALA D 13 6.92 -18.43 19.43
C ALA D 13 7.21 -18.78 17.98
N LEU D 14 6.78 -19.98 17.54
CA LEU D 14 7.04 -20.40 16.17
C LEU D 14 6.25 -19.57 15.15
N GLY D 15 5.14 -18.97 15.55
CA GLY D 15 4.31 -18.23 14.62
C GLY D 15 4.36 -16.71 14.77
N THR D 16 5.37 -16.19 15.45
CA THR D 16 5.44 -14.76 15.73
C THR D 16 6.74 -14.16 15.20
N PRO D 17 6.69 -13.11 14.38
CA PRO D 17 7.84 -12.37 13.85
C PRO D 17 8.83 -11.97 14.93
#